data_1RIT
#
_entry.id   1RIT
#
_cell.length_a   94.9
_cell.length_b   94.9
_cell.length_c   144.1
_cell.angle_alpha   90
_cell.angle_beta   90
_cell.angle_gamma   120
#
_symmetry.space_group_name_H-M   'P 32'
#
loop_
_entity.id
_entity.type
_entity.pdbx_description
1 polymer 'Galactose-binding lectin'
2 branched beta-D-galactopyranose-(1-4)-beta-D-glucopyranose
3 non-polymer 5,10,15,20-TETRAKIS(4-SULPFONATOPHENYL)-21H,23H-PORPHINE
4 non-polymer 'CALCIUM ION'
5 non-polymer 'MANGANESE (II) ION'
6 water water
#
_entity_poly.entity_id   1
_entity_poly.type   'polypeptide(L)'
_entity_poly.pdbx_seq_one_letter_code
;AETVSFNFNSFSEGNPAINFQGDVTVLSNGNIQLTNLNKVNSVGRVLYAMPVRIWSSATGNVASFLTSFSFEMKDIKDYD
PADGIIFFIAPEDTQIPAGSIGGGTLGVSDTKGAGHFVGVEFDTYSNSEYNDPPTDHVGIDVNSVDSVKTVPWNSVSGAV
VKVTVIYDSSTKTLSVAVTNDNGDITTIAQVVDLKAKLPERVKFGFSASGSLGGRQIHLIRSWSFTSTLITTTRRS
;
_entity_poly.pdbx_strand_id   A,B,C,D
#
# COMPACT_ATOMS: atom_id res chain seq x y z
N ALA A 1 5.80 6.33 -12.20
CA ALA A 1 7.22 5.94 -11.90
C ALA A 1 7.30 4.44 -11.71
N GLU A 2 8.52 3.91 -11.73
CA GLU A 2 8.77 2.47 -11.58
C GLU A 2 9.02 2.15 -10.09
N THR A 3 8.07 1.49 -9.43
CA THR A 3 8.23 1.19 -8.01
C THR A 3 8.14 -0.29 -7.62
N VAL A 4 9.03 -0.72 -6.72
CA VAL A 4 9.05 -2.09 -6.23
C VAL A 4 8.69 -1.99 -4.75
N SER A 5 7.80 -2.85 -4.28
CA SER A 5 7.42 -2.81 -2.88
C SER A 5 6.84 -4.13 -2.38
N PHE A 6 7.51 -4.70 -1.38
CA PHE A 6 7.07 -5.94 -0.78
C PHE A 6 7.01 -5.78 0.73
N ASN A 7 6.48 -6.79 1.42
CA ASN A 7 6.40 -6.71 2.87
C ASN A 7 6.26 -8.08 3.49
N PHE A 8 7.19 -8.41 4.40
CA PHE A 8 7.18 -9.69 5.08
C PHE A 8 7.10 -9.51 6.58
N ASN A 9 6.03 -10.03 7.19
CA ASN A 9 5.89 -9.98 8.63
C ASN A 9 6.20 -11.37 9.18
N SER A 10 6.36 -12.32 8.28
CA SER A 10 6.69 -13.70 8.63
C SER A 10 7.32 -14.31 7.39
N PHE A 11 7.91 -15.49 7.55
CA PHE A 11 8.53 -16.16 6.42
C PHE A 11 8.15 -17.64 6.44
N SER A 12 8.44 -18.33 5.34
CA SER A 12 8.14 -19.75 5.21
C SER A 12 8.85 -20.25 3.97
N GLU A 13 9.50 -21.40 4.05
CA GLU A 13 10.20 -21.93 2.88
C GLU A 13 9.17 -22.11 1.77
N GLY A 14 9.64 -22.24 0.54
CA GLY A 14 8.72 -22.44 -0.56
C GLY A 14 8.15 -21.19 -1.20
N ASN A 15 8.33 -20.04 -0.54
CA ASN A 15 7.84 -18.78 -1.10
C ASN A 15 8.78 -18.38 -2.24
N PRO A 16 8.26 -18.32 -3.47
CA PRO A 16 9.11 -17.96 -4.62
C PRO A 16 9.70 -16.55 -4.58
N ALA A 17 9.30 -15.77 -3.60
CA ALA A 17 9.77 -14.39 -3.48
C ALA A 17 11.14 -14.26 -2.81
N ILE A 18 11.58 -15.34 -2.18
CA ILE A 18 12.82 -15.34 -1.42
C ILE A 18 13.75 -16.51 -1.71
N ASN A 19 15.03 -16.22 -1.94
CA ASN A 19 16.01 -17.26 -2.21
C ASN A 19 16.85 -17.49 -0.95
N PHE A 20 17.02 -18.74 -0.55
CA PHE A 20 17.83 -19.05 0.61
C PHE A 20 19.20 -19.65 0.24
N GLN A 21 20.28 -18.90 0.49
CA GLN A 21 21.63 -19.37 0.23
C GLN A 21 22.37 -19.64 1.55
N GLY A 22 22.84 -20.87 1.75
CA GLY A 22 23.59 -21.19 2.95
C GLY A 22 22.87 -21.90 4.07
N ASP A 23 23.31 -21.66 5.30
CA ASP A 23 22.71 -22.29 6.45
C ASP A 23 21.42 -21.60 6.92
N VAL A 24 20.69 -20.99 5.99
CA VAL A 24 19.45 -20.32 6.37
C VAL A 24 18.38 -21.36 6.67
N THR A 25 17.76 -21.22 7.85
CA THR A 25 16.72 -22.13 8.29
C THR A 25 15.49 -21.33 8.74
N VAL A 26 14.32 -21.64 8.17
CA VAL A 26 13.10 -20.93 8.55
C VAL A 26 12.42 -21.64 9.72
N LEU A 27 12.23 -20.91 10.82
CA LEU A 27 11.60 -21.46 12.01
C LEU A 27 10.10 -21.62 11.86
N SER A 28 9.56 -22.53 12.68
CA SER A 28 8.14 -22.85 12.71
C SER A 28 7.31 -21.69 13.25
N ASN A 29 7.89 -20.49 13.26
CA ASN A 29 7.19 -19.32 13.76
C ASN A 29 7.37 -18.13 12.81
N GLY A 30 7.64 -18.42 11.55
CA GLY A 30 7.81 -17.39 10.54
C GLY A 30 9.02 -16.50 10.72
N ASN A 31 10.04 -17.02 11.41
CA ASN A 31 11.26 -16.27 11.65
C ASN A 31 12.40 -16.93 10.90
N ILE A 32 13.29 -16.12 10.37
CA ILE A 32 14.43 -16.64 9.64
C ILE A 32 15.64 -16.68 10.55
N GLN A 33 16.31 -17.83 10.58
CA GLN A 33 17.54 -18.01 11.35
C GLN A 33 18.66 -18.09 10.31
N LEU A 34 19.57 -17.14 10.35
CA LEU A 34 20.63 -17.12 9.35
C LEU A 34 21.79 -18.11 9.45
N THR A 35 22.25 -18.44 10.64
CA THR A 35 23.37 -19.37 10.74
C THR A 35 23.09 -20.65 11.47
N ASN A 36 23.90 -21.67 11.19
CA ASN A 36 23.78 -22.97 11.84
C ASN A 36 24.71 -22.95 13.05
N LEU A 37 24.15 -23.24 14.22
CA LEU A 37 24.92 -23.25 15.46
C LEU A 37 25.88 -24.43 15.63
N ASN A 38 25.64 -25.52 14.93
CA ASN A 38 26.49 -26.68 15.06
C ASN A 38 27.56 -26.79 13.99
N LYS A 39 27.88 -25.68 13.31
CA LYS A 39 28.91 -25.72 12.28
C LYS A 39 30.03 -24.74 12.53
N VAL A 40 31.20 -25.09 12.01
CA VAL A 40 32.36 -24.22 12.10
C VAL A 40 32.23 -23.42 10.83
N ASN A 41 32.33 -22.10 10.91
CA ASN A 41 32.22 -21.27 9.71
C ASN A 41 30.85 -21.18 9.02
N SER A 42 29.78 -21.30 9.80
CA SER A 42 28.45 -21.22 9.22
C SER A 42 28.33 -19.92 8.44
N VAL A 43 27.47 -19.93 7.43
CA VAL A 43 27.24 -18.76 6.58
C VAL A 43 25.86 -18.88 5.96
N GLY A 44 25.07 -17.82 6.04
CA GLY A 44 23.73 -17.87 5.47
C GLY A 44 23.24 -16.53 4.97
N ARG A 45 22.46 -16.56 3.90
CA ARG A 45 21.94 -15.33 3.35
C ARG A 45 20.51 -15.56 2.90
N VAL A 46 19.73 -14.49 2.91
CA VAL A 46 18.34 -14.53 2.46
C VAL A 46 18.23 -13.37 1.46
N LEU A 47 17.74 -13.65 0.26
CA LEU A 47 17.61 -12.60 -0.76
C LEU A 47 16.21 -12.49 -1.36
N TYR A 48 15.83 -11.27 -1.72
CA TYR A 48 14.55 -11.04 -2.36
C TYR A 48 14.76 -11.55 -3.78
N ALA A 49 14.06 -12.62 -4.12
CA ALA A 49 14.17 -13.31 -5.42
C ALA A 49 14.38 -12.50 -6.69
N MET A 50 13.55 -11.49 -6.92
CA MET A 50 13.65 -10.68 -8.14
C MET A 50 14.74 -9.60 -8.08
N PRO A 51 15.42 -9.36 -9.22
CA PRO A 51 16.47 -8.33 -9.26
C PRO A 51 15.72 -7.00 -9.36
N VAL A 52 16.18 -5.99 -8.64
CA VAL A 52 15.55 -4.69 -8.72
C VAL A 52 16.52 -3.83 -9.45
N ARG A 53 16.04 -3.14 -10.48
CA ARG A 53 16.85 -2.22 -11.31
C ARG A 53 17.01 -0.88 -10.56
N ILE A 54 18.13 -0.70 -9.86
CA ILE A 54 18.33 0.55 -9.11
C ILE A 54 18.59 1.81 -9.91
N TRP A 55 19.19 1.69 -11.09
CA TRP A 55 19.43 2.86 -11.92
C TRP A 55 19.33 2.51 -13.41
N SER A 56 19.10 3.53 -14.21
CA SER A 56 18.94 3.35 -15.66
C SER A 56 20.04 4.00 -16.48
N SER A 57 20.71 3.19 -17.28
CA SER A 57 21.77 3.66 -18.15
C SER A 57 21.19 4.64 -19.17
N ALA A 58 19.87 4.63 -19.28
CA ALA A 58 19.16 5.50 -20.21
C ALA A 58 18.74 6.82 -19.57
N THR A 59 18.10 6.75 -18.41
CA THR A 59 17.65 7.94 -17.70
C THR A 59 18.82 8.63 -17.00
N GLY A 60 19.75 7.82 -16.47
CA GLY A 60 20.88 8.36 -15.75
C GLY A 60 20.45 8.46 -14.29
N ASN A 61 19.17 8.21 -14.07
CA ASN A 61 18.56 8.27 -12.75
C ASN A 61 18.88 7.11 -11.83
N VAL A 62 18.74 7.35 -10.54
CA VAL A 62 18.99 6.34 -9.51
C VAL A 62 17.81 6.34 -8.56
N ALA A 63 17.30 5.14 -8.28
CA ALA A 63 16.15 4.98 -7.41
C ALA A 63 16.44 5.32 -5.95
N SER A 64 15.39 5.68 -5.23
CA SER A 64 15.47 5.99 -3.80
C SER A 64 14.72 4.82 -3.21
N PHE A 65 15.03 4.47 -1.98
CA PHE A 65 14.31 3.39 -1.34
C PHE A 65 14.16 3.58 0.14
N LEU A 66 13.07 3.05 0.67
CA LEU A 66 12.77 3.15 2.08
C LEU A 66 12.55 1.74 2.55
N THR A 67 13.50 1.20 3.29
CA THR A 67 13.35 -0.15 3.79
C THR A 67 13.56 -0.18 5.28
N SER A 68 12.75 -0.95 5.99
CA SER A 68 12.90 -1.07 7.43
C SER A 68 12.73 -2.54 7.76
N PHE A 69 13.46 -3.01 8.76
CA PHE A 69 13.43 -4.41 9.14
C PHE A 69 13.74 -4.60 10.62
N SER A 70 13.44 -5.78 11.14
CA SER A 70 13.71 -6.06 12.55
C SER A 70 14.44 -7.38 12.71
N PHE A 71 15.35 -7.44 13.68
CA PHE A 71 16.10 -8.66 13.93
C PHE A 71 16.39 -8.89 15.41
N GLU A 72 17.00 -10.04 15.71
CA GLU A 72 17.30 -10.39 17.09
C GLU A 72 18.50 -11.32 17.10
N MET A 73 19.40 -11.11 18.06
CA MET A 73 20.59 -11.94 18.16
C MET A 73 20.76 -12.42 19.60
N LYS A 74 20.35 -13.66 19.87
CA LYS A 74 20.48 -14.21 21.22
C LYS A 74 21.80 -14.99 21.36
N ASP A 75 22.47 -14.82 22.50
CA ASP A 75 23.74 -15.51 22.77
C ASP A 75 23.54 -16.99 23.08
N ILE A 76 24.62 -17.76 23.09
CA ILE A 76 24.52 -19.17 23.42
C ILE A 76 25.67 -19.60 24.33
N LYS A 77 25.32 -20.13 25.49
CA LYS A 77 26.26 -20.60 26.51
C LYS A 77 27.61 -21.06 25.95
N ASP A 78 28.69 -20.52 26.51
CA ASP A 78 30.05 -20.87 26.12
C ASP A 78 30.39 -20.56 24.66
N TYR A 79 30.05 -19.35 24.21
CA TYR A 79 30.33 -18.96 22.84
C TYR A 79 30.47 -17.46 22.66
N ASP A 80 31.38 -17.05 21.79
CA ASP A 80 31.57 -15.64 21.56
C ASP A 80 30.48 -15.17 20.60
N PRO A 81 29.76 -14.10 20.95
CA PRO A 81 28.69 -13.58 20.09
C PRO A 81 29.25 -12.99 18.81
N ALA A 82 28.99 -13.68 17.71
CA ALA A 82 29.45 -13.26 16.38
C ALA A 82 28.72 -14.01 15.28
N ASP A 83 28.83 -13.56 14.02
CA ASP A 83 29.60 -12.37 13.64
C ASP A 83 28.75 -11.12 13.56
N GLY A 84 27.44 -11.31 13.39
CA GLY A 84 26.52 -10.18 13.28
C GLY A 84 25.71 -10.33 12.02
N ILE A 85 24.69 -9.50 11.86
CA ILE A 85 23.87 -9.55 10.65
C ILE A 85 24.35 -8.45 9.70
N ILE A 86 23.85 -8.46 8.48
CA ILE A 86 24.20 -7.43 7.50
C ILE A 86 23.12 -7.33 6.43
N PHE A 87 22.73 -6.10 6.11
CA PHE A 87 21.72 -5.81 5.11
C PHE A 87 22.54 -5.35 3.95
N PHE A 88 22.41 -6.00 2.80
CA PHE A 88 23.24 -5.63 1.66
C PHE A 88 22.61 -5.61 0.28
N ILE A 89 23.36 -5.03 -0.65
CA ILE A 89 22.98 -4.90 -2.05
C ILE A 89 24.12 -5.47 -2.90
N ALA A 90 23.79 -6.33 -3.85
CA ALA A 90 24.82 -6.96 -4.69
C ALA A 90 24.38 -7.16 -6.11
N PRO A 91 25.32 -7.53 -7.00
CA PRO A 91 25.01 -7.78 -8.40
C PRO A 91 24.04 -8.96 -8.43
N GLU A 92 23.03 -8.88 -9.30
CA GLU A 92 22.02 -9.92 -9.40
C GLU A 92 22.58 -11.33 -9.42
N ASP A 93 23.81 -11.50 -9.93
CA ASP A 93 24.44 -12.83 -10.00
C ASP A 93 25.15 -13.32 -8.73
N THR A 94 25.08 -12.51 -7.68
CA THR A 94 25.72 -12.80 -6.40
C THR A 94 25.64 -14.22 -5.87
N GLN A 95 26.81 -14.86 -5.72
CA GLN A 95 26.89 -16.22 -5.17
C GLN A 95 27.28 -16.05 -3.72
N ILE A 96 27.03 -17.07 -2.91
CA ILE A 96 27.38 -16.94 -1.51
C ILE A 96 28.85 -17.21 -1.31
N PRO A 97 29.56 -16.21 -0.76
CA PRO A 97 31.00 -16.28 -0.48
C PRO A 97 31.40 -17.59 0.19
N ALA A 98 32.70 -17.89 0.09
CA ALA A 98 33.27 -19.08 0.70
C ALA A 98 33.12 -19.01 2.20
N GLY A 99 32.66 -20.07 2.84
CA GLY A 99 32.53 -20.08 4.28
C GLY A 99 33.97 -19.96 4.77
N SER A 100 34.23 -19.22 5.86
CA SER A 100 35.58 -19.05 6.38
C SER A 100 35.50 -19.42 7.85
N ILE A 101 36.60 -19.46 8.59
CA ILE A 101 36.40 -19.92 9.98
C ILE A 101 36.58 -19.05 11.20
N GLY A 102 37.79 -18.73 11.61
CA GLY A 102 37.91 -17.86 12.75
C GLY A 102 37.21 -16.59 12.28
N GLY A 103 37.40 -16.36 10.99
CA GLY A 103 36.88 -15.22 10.25
C GLY A 103 35.52 -14.62 10.57
N GLY A 104 35.30 -13.44 10.00
CA GLY A 104 34.06 -12.72 10.20
C GLY A 104 33.80 -11.85 8.98
N THR A 105 33.57 -12.53 7.86
CA THR A 105 33.30 -11.90 6.59
C THR A 105 31.83 -11.57 6.46
N LEU A 106 31.06 -11.86 7.50
CA LEU A 106 29.63 -11.61 7.49
C LEU A 106 28.93 -12.23 6.27
N GLY A 107 29.57 -13.22 5.66
CA GLY A 107 29.01 -13.89 4.50
C GLY A 107 28.90 -13.11 3.19
N VAL A 108 29.73 -12.09 2.99
CA VAL A 108 29.69 -11.30 1.76
C VAL A 108 31.06 -11.01 1.15
N SER A 109 32.12 -11.55 1.74
CA SER A 109 33.50 -11.30 1.26
C SER A 109 34.45 -12.48 1.35
N ASP A 110 35.64 -12.35 0.80
CA ASP A 110 36.62 -13.43 0.86
C ASP A 110 37.37 -13.37 2.19
N THR A 111 38.36 -14.24 2.37
CA THR A 111 39.16 -14.28 3.59
C THR A 111 39.80 -12.91 3.86
N LYS A 112 40.16 -12.22 2.78
CA LYS A 112 40.79 -10.89 2.88
C LYS A 112 39.79 -9.80 3.30
N GLY A 113 38.51 -9.98 2.99
CA GLY A 113 37.51 -8.98 3.37
C GLY A 113 36.99 -8.18 2.18
N ALA A 114 37.38 -8.61 0.99
CA ALA A 114 36.95 -7.95 -0.24
C ALA A 114 35.68 -8.60 -0.79
N GLY A 115 34.95 -7.89 -1.64
CA GLY A 115 33.75 -8.43 -2.22
C GLY A 115 33.01 -7.35 -2.99
N HIS A 116 32.12 -7.74 -3.89
CA HIS A 116 31.38 -6.74 -4.66
C HIS A 116 29.97 -6.59 -4.13
N PHE A 117 29.77 -5.58 -3.27
CA PHE A 117 28.48 -5.33 -2.66
C PHE A 117 28.56 -4.03 -1.88
N VAL A 118 27.41 -3.56 -1.39
CA VAL A 118 27.34 -2.35 -0.60
C VAL A 118 26.32 -2.70 0.47
N GLY A 119 26.66 -2.46 1.74
CA GLY A 119 25.72 -2.77 2.81
C GLY A 119 25.89 -2.09 4.17
N VAL A 120 24.91 -2.29 5.05
CA VAL A 120 24.94 -1.75 6.40
C VAL A 120 25.14 -2.96 7.30
N GLU A 121 26.17 -2.94 8.14
CA GLU A 121 26.45 -4.07 9.02
C GLU A 121 26.15 -3.77 10.48
N PHE A 122 25.75 -4.82 11.18
CA PHE A 122 25.42 -4.76 12.60
C PHE A 122 26.34 -5.77 13.26
N ASP A 123 27.62 -5.42 13.25
CA ASP A 123 28.72 -6.22 13.79
C ASP A 123 28.85 -6.27 15.31
N THR A 124 28.98 -7.47 15.88
CA THR A 124 29.10 -7.64 17.33
C THR A 124 30.42 -8.26 17.83
N TYR A 125 31.44 -8.29 16.99
CA TYR A 125 32.73 -8.87 17.38
C TYR A 125 33.91 -8.26 16.62
N SER A 126 34.88 -7.70 17.34
CA SER A 126 36.04 -7.06 16.74
C SER A 126 37.12 -8.00 16.17
N ASN A 127 37.61 -7.67 14.98
CA ASN A 127 38.64 -8.47 14.32
C ASN A 127 39.74 -7.54 13.86
N SER A 128 40.85 -7.54 14.57
CA SER A 128 41.98 -6.70 14.21
C SER A 128 42.23 -6.79 12.69
N GLU A 129 41.90 -7.95 12.14
CA GLU A 129 42.09 -8.25 10.71
C GLU A 129 41.32 -7.38 9.72
N TYR A 130 40.24 -6.75 10.16
CA TYR A 130 39.45 -5.91 9.27
C TYR A 130 39.21 -4.51 9.83
N ASN A 131 40.01 -4.11 10.81
CA ASN A 131 39.90 -2.78 11.44
C ASN A 131 38.68 -2.61 12.35
N ASP A 132 38.03 -3.71 12.71
CA ASP A 132 36.87 -3.63 13.58
C ASP A 132 37.09 -2.74 14.79
N PRO A 133 36.25 -1.69 14.94
CA PRO A 133 36.42 -0.81 16.09
C PRO A 133 36.44 -1.66 17.37
N PRO A 134 37.04 -1.14 18.45
CA PRO A 134 37.11 -1.89 19.70
C PRO A 134 35.83 -2.66 20.12
N THR A 135 34.66 -2.05 19.93
CA THR A 135 33.42 -2.70 20.33
C THR A 135 32.35 -2.77 19.26
N ASP A 136 31.19 -3.28 19.66
CA ASP A 136 30.04 -3.42 18.79
C ASP A 136 29.81 -2.15 18.01
N HIS A 137 29.45 -2.30 16.74
CA HIS A 137 29.25 -1.15 15.88
C HIS A 137 28.29 -1.41 14.74
N VAL A 138 27.88 -0.33 14.10
CA VAL A 138 27.01 -0.36 12.93
C VAL A 138 27.92 0.27 11.88
N GLY A 139 28.03 -0.34 10.72
CA GLY A 139 28.91 0.24 9.70
C GLY A 139 28.27 0.40 8.34
N ILE A 140 29.04 0.98 7.43
CA ILE A 140 28.59 1.19 6.06
C ILE A 140 29.70 0.62 5.20
N ASP A 141 29.48 -0.58 4.70
CA ASP A 141 30.46 -1.26 3.87
C ASP A 141 30.25 -0.97 2.39
N VAL A 142 31.37 -0.86 1.68
CA VAL A 142 31.33 -0.64 0.26
C VAL A 142 32.44 -1.52 -0.28
N ASN A 143 32.07 -2.69 -0.78
CA ASN A 143 33.02 -3.67 -1.34
C ASN A 143 34.09 -4.15 -0.36
N SER A 144 33.86 -3.99 0.94
CA SER A 144 34.83 -4.41 1.93
C SER A 144 34.20 -4.48 3.31
N VAL A 145 34.54 -5.53 4.07
CA VAL A 145 34.01 -5.67 5.43
C VAL A 145 34.70 -4.69 6.40
N ASP A 146 35.70 -3.97 5.88
CA ASP A 146 36.44 -2.93 6.63
C ASP A 146 35.61 -1.67 6.37
N SER A 147 34.54 -1.51 7.14
CA SER A 147 33.62 -0.39 7.00
C SER A 147 34.22 0.94 6.59
N VAL A 148 33.50 1.64 5.73
CA VAL A 148 33.92 2.95 5.25
C VAL A 148 33.76 3.89 6.43
N LYS A 149 32.63 3.78 7.12
CA LYS A 149 32.38 4.59 8.30
C LYS A 149 31.74 3.67 9.34
N THR A 150 31.91 3.99 10.62
CA THR A 150 31.33 3.19 11.69
C THR A 150 30.89 4.07 12.84
N VAL A 151 29.95 3.57 13.63
CA VAL A 151 29.48 4.33 14.76
C VAL A 151 29.28 3.33 15.90
N PRO A 152 29.60 3.74 17.13
CA PRO A 152 29.46 2.88 18.30
C PRO A 152 28.02 2.45 18.52
N TRP A 153 27.83 1.14 18.63
CA TRP A 153 26.50 0.59 18.87
C TRP A 153 26.69 -0.48 19.94
N ASN A 154 25.59 -0.93 20.55
CA ASN A 154 25.69 -1.98 21.54
C ASN A 154 24.62 -3.03 21.33
N SER A 155 25.04 -4.26 21.03
CA SER A 155 24.11 -5.36 20.79
C SER A 155 23.66 -6.05 22.09
N VAL A 156 22.35 -6.18 22.25
CA VAL A 156 21.78 -6.80 23.44
C VAL A 156 21.06 -8.10 23.16
N SER A 157 21.57 -9.18 23.74
CA SER A 157 21.01 -10.52 23.55
C SER A 157 19.52 -10.59 23.81
N GLY A 158 18.81 -11.23 22.89
CA GLY A 158 17.37 -11.40 23.02
C GLY A 158 16.56 -10.14 22.81
N ALA A 159 17.18 -9.09 22.30
CA ALA A 159 16.44 -7.86 22.10
C ALA A 159 16.07 -7.72 20.63
N VAL A 160 14.82 -7.31 20.38
CA VAL A 160 14.33 -7.11 19.03
C VAL A 160 14.71 -5.71 18.57
N VAL A 161 15.40 -5.61 17.43
CA VAL A 161 15.83 -4.31 16.92
C VAL A 161 15.04 -3.87 15.71
N LYS A 162 14.71 -2.58 15.66
CA LYS A 162 13.99 -2.03 14.51
C LYS A 162 14.97 -1.14 13.77
N VAL A 163 15.02 -1.30 12.45
CA VAL A 163 15.93 -0.51 11.64
C VAL A 163 15.25 0.12 10.43
N THR A 164 15.34 1.45 10.31
CA THR A 164 14.76 2.16 9.18
C THR A 164 15.89 2.70 8.31
N VAL A 165 15.87 2.34 7.03
CA VAL A 165 16.89 2.80 6.10
C VAL A 165 16.25 3.64 5.01
N ILE A 166 16.90 4.74 4.65
CA ILE A 166 16.44 5.66 3.60
C ILE A 166 17.59 5.98 2.63
N TYR A 167 17.31 5.97 1.33
CA TYR A 167 18.34 6.32 0.37
C TYR A 167 17.78 7.40 -0.52
N ASP A 168 18.49 8.54 -0.59
CA ASP A 168 18.07 9.64 -1.44
C ASP A 168 18.71 9.53 -2.83
N SER A 169 17.85 9.48 -3.85
CA SER A 169 18.28 9.34 -5.24
C SER A 169 19.29 10.38 -5.64
N SER A 170 19.02 11.64 -5.33
CA SER A 170 19.92 12.74 -5.69
C SER A 170 21.17 12.83 -4.83
N THR A 171 21.00 13.26 -3.59
CA THR A 171 22.10 13.41 -2.63
C THR A 171 22.93 12.14 -2.44
N LYS A 172 22.46 11.03 -3.01
CA LYS A 172 23.13 9.74 -2.91
C LYS A 172 23.49 9.43 -1.47
N THR A 173 22.59 9.79 -0.55
CA THR A 173 22.80 9.58 0.87
C THR A 173 22.06 8.38 1.45
N LEU A 174 22.83 7.43 1.97
CA LEU A 174 22.30 6.23 2.63
C LEU A 174 22.22 6.58 4.12
N SER A 175 21.02 6.64 4.69
CA SER A 175 20.84 6.98 6.11
C SER A 175 20.13 5.93 6.95
N VAL A 176 20.86 5.35 7.90
CA VAL A 176 20.32 4.33 8.78
C VAL A 176 19.89 4.91 10.13
N ALA A 177 18.98 4.21 10.82
CA ALA A 177 18.49 4.60 12.14
C ALA A 177 18.14 3.33 12.92
N VAL A 178 19.00 2.99 13.89
CA VAL A 178 18.82 1.81 14.73
C VAL A 178 18.06 2.08 16.03
N THR A 179 16.88 1.49 16.17
CA THR A 179 16.10 1.68 17.40
C THR A 179 16.32 0.49 18.33
N ASN A 180 16.90 0.75 19.50
CA ASN A 180 17.17 -0.28 20.52
C ASN A 180 15.98 -0.58 21.41
N ASP A 181 16.11 -1.64 22.22
CA ASP A 181 15.03 -2.06 23.10
C ASP A 181 14.61 -0.99 24.11
N ASN A 182 15.59 -0.38 24.76
CA ASN A 182 15.31 0.66 25.76
C ASN A 182 14.64 1.91 25.20
N GLY A 183 14.83 2.16 23.90
CA GLY A 183 14.26 3.33 23.27
C GLY A 183 15.27 4.11 22.45
N ASP A 184 16.45 4.34 23.01
CA ASP A 184 17.53 5.09 22.35
C ASP A 184 17.73 4.75 20.87
N ILE A 185 18.05 5.76 20.06
CA ILE A 185 18.28 5.54 18.64
C ILE A 185 19.72 5.82 18.25
N THR A 186 20.25 4.97 17.38
CA THR A 186 21.62 5.10 16.91
C THR A 186 21.42 5.44 15.43
N THR A 187 22.22 6.35 14.87
CA THR A 187 22.07 6.68 13.46
C THR A 187 23.44 6.92 12.82
N ILE A 188 23.54 6.59 11.54
CA ILE A 188 24.76 6.75 10.75
C ILE A 188 24.30 7.09 9.32
N ALA A 189 25.14 7.77 8.55
CA ALA A 189 24.77 8.15 7.18
C ALA A 189 26.02 8.25 6.31
N GLN A 190 25.87 7.95 5.03
CA GLN A 190 27.01 7.99 4.14
C GLN A 190 26.59 8.09 2.70
N VAL A 191 27.39 8.82 1.94
CA VAL A 191 27.14 8.99 0.53
C VAL A 191 27.75 7.76 -0.14
N VAL A 192 27.00 7.16 -1.06
CA VAL A 192 27.47 6.00 -1.80
C VAL A 192 26.80 6.06 -3.16
N ASP A 193 27.57 6.34 -4.20
CA ASP A 193 26.95 6.38 -5.53
C ASP A 193 26.62 4.94 -5.90
N LEU A 194 25.34 4.59 -5.77
CA LEU A 194 24.89 3.26 -6.09
C LEU A 194 25.16 3.00 -7.57
N LYS A 195 25.06 4.06 -8.38
CA LYS A 195 25.31 3.98 -9.82
C LYS A 195 26.79 3.81 -10.13
N ALA A 196 27.63 4.01 -9.13
CA ALA A 196 29.06 3.88 -9.32
C ALA A 196 29.61 2.54 -8.86
N LYS A 197 28.99 1.93 -7.85
CA LYS A 197 29.47 0.65 -7.31
C LYS A 197 28.70 -0.57 -7.77
N LEU A 198 27.43 -0.39 -8.11
CA LEU A 198 26.62 -1.52 -8.51
C LEU A 198 26.10 -1.52 -9.93
N PRO A 199 25.90 -2.70 -10.51
CA PRO A 199 25.40 -2.78 -11.88
C PRO A 199 23.93 -2.34 -11.86
N GLU A 200 23.31 -2.15 -13.02
CA GLU A 200 21.92 -1.71 -13.08
C GLU A 200 20.98 -2.58 -12.24
N ARG A 201 21.08 -3.88 -12.41
CA ARG A 201 20.25 -4.81 -11.68
C ARG A 201 21.00 -5.38 -10.49
N VAL A 202 20.47 -5.17 -9.30
CA VAL A 202 21.06 -5.70 -8.07
C VAL A 202 20.02 -6.53 -7.31
N LYS A 203 20.43 -7.05 -6.15
CA LYS A 203 19.56 -7.83 -5.29
C LYS A 203 19.69 -7.37 -3.82
N PHE A 204 18.58 -7.34 -3.09
CA PHE A 204 18.60 -6.92 -1.70
C PHE A 204 18.45 -8.14 -0.80
N GLY A 205 19.15 -8.14 0.33
CA GLY A 205 19.05 -9.26 1.25
C GLY A 205 19.78 -9.03 2.55
N PHE A 206 19.76 -10.05 3.39
CA PHE A 206 20.43 -10.00 4.69
C PHE A 206 21.37 -11.18 4.71
N SER A 207 22.57 -10.98 5.24
CA SER A 207 23.57 -12.06 5.34
C SER A 207 24.17 -12.15 6.75
N ALA A 208 24.73 -13.32 7.07
CA ALA A 208 25.34 -13.54 8.38
C ALA A 208 26.46 -14.55 8.27
N SER A 209 27.16 -14.75 9.38
CA SER A 209 28.28 -15.69 9.43
C SER A 209 28.69 -15.98 10.86
N GLY A 210 29.44 -17.06 11.01
CA GLY A 210 29.92 -17.47 12.31
C GLY A 210 31.32 -18.03 12.19
N SER A 211 31.93 -18.35 13.32
CA SER A 211 33.28 -18.87 13.31
C SER A 211 33.37 -20.17 14.08
N LEU A 212 34.59 -20.60 14.36
CA LEU A 212 34.83 -21.81 15.12
C LEU A 212 34.47 -21.51 16.56
N GLY A 213 34.93 -20.36 17.05
CA GLY A 213 34.66 -19.98 18.43
C GLY A 213 33.56 -18.93 18.60
N GLY A 214 33.16 -18.32 17.50
CA GLY A 214 32.12 -17.31 17.54
C GLY A 214 30.82 -17.78 16.93
N ARG A 215 29.76 -17.80 17.72
CA ARG A 215 28.47 -18.23 17.23
C ARG A 215 27.36 -17.60 18.04
N GLN A 216 26.19 -17.50 17.41
CA GLN A 216 25.00 -16.97 18.06
C GLN A 216 23.87 -17.08 17.08
N ILE A 217 22.65 -16.84 17.55
CA ILE A 217 21.50 -16.90 16.68
C ILE A 217 21.29 -15.56 15.99
N HIS A 218 20.94 -15.63 14.72
CA HIS A 218 20.71 -14.43 13.93
C HIS A 218 19.31 -14.51 13.35
N LEU A 219 18.37 -13.79 13.97
CA LEU A 219 16.98 -13.81 13.51
C LEU A 219 16.45 -12.57 12.78
N ILE A 220 15.97 -12.78 11.56
CA ILE A 220 15.36 -11.71 10.78
C ILE A 220 13.86 -11.91 10.99
N ARG A 221 13.26 -11.05 11.79
CA ARG A 221 11.85 -11.17 12.13
C ARG A 221 10.90 -10.57 11.10
N SER A 222 11.29 -9.46 10.50
CA SER A 222 10.44 -8.86 9.50
C SER A 222 11.19 -7.97 8.55
N TRP A 223 10.58 -7.72 7.41
CA TRP A 223 11.21 -6.88 6.41
C TRP A 223 10.19 -6.23 5.46
N SER A 224 10.34 -4.92 5.27
CA SER A 224 9.48 -4.17 4.36
C SER A 224 10.38 -3.26 3.54
N PHE A 225 10.23 -3.33 2.22
CA PHE A 225 11.06 -2.55 1.34
C PHE A 225 10.24 -1.88 0.27
N THR A 226 10.72 -0.71 -0.16
CA THR A 226 10.08 0.06 -1.21
C THR A 226 11.08 0.96 -1.89
N SER A 227 11.15 0.85 -3.21
CA SER A 227 12.05 1.65 -4.01
C SER A 227 11.30 2.27 -5.17
N THR A 228 11.65 3.50 -5.54
CA THR A 228 10.97 4.11 -6.67
C THR A 228 12.00 4.71 -7.62
N LEU A 229 11.89 4.33 -8.89
CA LEU A 229 12.81 4.81 -9.89
C LEU A 229 12.09 5.70 -10.89
N ILE A 230 12.37 6.99 -10.81
CA ILE A 230 11.78 7.96 -11.72
C ILE A 230 12.35 7.76 -13.11
N THR A 231 11.46 7.71 -14.10
CA THR A 231 11.87 7.50 -15.47
C THR A 231 10.96 8.24 -16.46
N THR A 232 11.40 9.42 -16.87
CA THR A 232 10.64 10.24 -17.81
C THR A 232 11.36 11.56 -18.03
N ALA B 1 0.37 -13.19 6.94
CA ALA B 1 0.07 -14.00 5.71
C ALA B 1 1.07 -13.69 4.59
N GLU B 2 1.12 -14.54 3.58
CA GLU B 2 2.02 -14.37 2.44
C GLU B 2 1.31 -13.54 1.34
N THR B 3 1.75 -12.31 1.13
CA THR B 3 1.08 -11.49 0.11
C THR B 3 1.98 -10.90 -0.97
N VAL B 4 1.50 -10.94 -2.22
CA VAL B 4 2.23 -10.40 -3.37
C VAL B 4 1.43 -9.20 -3.87
N SER B 5 2.07 -8.07 -4.12
CA SER B 5 1.35 -6.91 -4.60
C SER B 5 2.25 -5.94 -5.34
N PHE B 6 1.89 -5.69 -6.60
CA PHE B 6 2.63 -4.77 -7.44
C PHE B 6 1.64 -3.81 -8.06
N ASN B 7 2.15 -2.80 -8.76
CA ASN B 7 1.31 -1.81 -9.41
C ASN B 7 2.01 -1.06 -10.54
N PHE B 8 1.44 -1.13 -11.73
CA PHE B 8 2.01 -0.48 -12.89
C PHE B 8 1.04 0.52 -13.51
N ASN B 9 1.44 1.79 -13.55
CA ASN B 9 0.60 2.79 -14.15
C ASN B 9 1.22 3.14 -15.50
N SER B 10 2.41 2.61 -15.75
CA SER B 10 3.16 2.82 -16.99
C SER B 10 4.12 1.65 -17.11
N PHE B 11 4.72 1.50 -18.29
CA PHE B 11 5.68 0.43 -18.52
C PHE B 11 6.90 0.99 -19.24
N SER B 12 7.96 0.19 -19.27
CA SER B 12 9.20 0.56 -19.92
C SER B 12 10.08 -0.68 -20.01
N GLU B 13 10.67 -0.93 -21.16
CA GLU B 13 11.52 -2.09 -21.31
C GLU B 13 12.61 -2.01 -20.26
N GLY B 14 13.26 -3.13 -20.00
CA GLY B 14 14.34 -3.11 -19.04
C GLY B 14 13.93 -3.28 -17.59
N ASN B 15 12.65 -3.19 -17.31
CA ASN B 15 12.19 -3.39 -15.93
C ASN B 15 12.26 -4.89 -15.64
N PRO B 16 13.10 -5.29 -14.67
CA PRO B 16 13.21 -6.72 -14.33
C PRO B 16 11.96 -7.38 -13.81
N ALA B 17 10.93 -6.58 -13.56
CA ALA B 17 9.67 -7.09 -13.01
C ALA B 17 8.74 -7.70 -14.06
N ILE B 18 9.05 -7.45 -15.33
CA ILE B 18 8.23 -7.92 -16.44
C ILE B 18 9.01 -8.60 -17.57
N ASN B 19 8.49 -9.74 -18.04
CA ASN B 19 9.10 -10.49 -19.13
C ASN B 19 8.25 -10.30 -20.39
N PHE B 20 8.91 -9.94 -21.49
CA PHE B 20 8.21 -9.75 -22.75
C PHE B 20 8.43 -10.92 -23.73
N GLN B 21 7.37 -11.67 -24.00
CA GLN B 21 7.47 -12.78 -24.94
C GLN B 21 6.68 -12.45 -26.22
N GLY B 22 7.34 -12.48 -27.37
CA GLY B 22 6.62 -12.22 -28.60
C GLY B 22 6.75 -10.84 -29.20
N ASP B 23 5.72 -10.43 -29.92
CA ASP B 23 5.72 -9.14 -30.59
C ASP B 23 5.32 -8.00 -29.65
N VAL B 24 5.66 -8.12 -28.37
CA VAL B 24 5.34 -7.07 -27.41
C VAL B 24 6.29 -5.91 -27.61
N THR B 25 5.70 -4.73 -27.77
CA THR B 25 6.47 -3.51 -27.96
C THR B 25 5.98 -2.43 -26.99
N VAL B 26 6.91 -1.87 -26.22
CA VAL B 26 6.58 -0.81 -25.26
C VAL B 26 6.63 0.57 -25.90
N LEU B 27 5.51 1.27 -25.91
CA LEU B 27 5.45 2.61 -26.51
C LEU B 27 6.12 3.66 -25.65
N SER B 28 6.53 4.72 -26.33
CA SER B 28 7.21 5.86 -25.73
C SER B 28 6.28 6.63 -24.79
N ASN B 29 5.19 6.01 -24.38
CA ASN B 29 4.24 6.64 -23.48
C ASN B 29 3.84 5.71 -22.36
N GLY B 30 4.71 4.74 -22.06
CA GLY B 30 4.45 3.79 -20.98
C GLY B 30 3.28 2.86 -21.21
N ASN B 31 2.95 2.63 -22.48
CA ASN B 31 1.86 1.74 -22.81
C ASN B 31 2.43 0.52 -23.49
N ILE B 32 1.83 -0.62 -23.23
CA ILE B 32 2.29 -1.85 -23.84
C ILE B 32 1.42 -2.18 -25.03
N GLN B 33 2.06 -2.48 -26.15
CA GLN B 33 1.36 -2.88 -27.37
C GLN B 33 1.65 -4.37 -27.55
N LEU B 34 0.62 -5.20 -27.47
CA LEU B 34 0.83 -6.62 -27.56
C LEU B 34 1.15 -7.26 -28.92
N THR B 35 0.54 -6.80 -30.00
CA THR B 35 0.81 -7.39 -31.30
C THR B 35 1.46 -6.48 -32.36
N ASN B 36 2.16 -7.11 -33.31
CA ASN B 36 2.81 -6.39 -34.41
C ASN B 36 1.80 -6.32 -35.55
N LEU B 37 1.51 -5.10 -36.00
CA LEU B 37 0.56 -4.90 -37.06
C LEU B 37 1.03 -5.32 -38.45
N ASN B 38 2.34 -5.39 -38.65
CA ASN B 38 2.86 -5.76 -39.95
C ASN B 38 3.23 -7.23 -40.10
N LYS B 39 2.68 -8.07 -39.23
CA LYS B 39 2.97 -9.50 -39.32
C LYS B 39 1.74 -10.37 -39.49
N VAL B 40 1.93 -11.52 -40.12
CA VAL B 40 0.85 -12.47 -40.29
C VAL B 40 1.01 -13.32 -39.02
N ASN B 41 -0.07 -13.57 -38.29
CA ASN B 41 0.04 -14.39 -37.09
C ASN B 41 0.81 -13.81 -35.90
N SER B 42 0.80 -12.50 -35.76
CA SER B 42 1.51 -11.87 -34.65
C SER B 42 1.03 -12.52 -33.36
N VAL B 43 1.90 -12.55 -32.37
CA VAL B 43 1.59 -13.10 -31.04
C VAL B 43 2.48 -12.45 -30.00
N GLY B 44 1.88 -11.98 -28.91
CA GLY B 44 2.65 -11.31 -27.88
C GLY B 44 2.07 -11.49 -26.48
N ARG B 45 2.96 -11.56 -25.50
CA ARG B 45 2.53 -11.73 -24.13
C ARG B 45 3.42 -10.89 -23.22
N VAL B 46 2.88 -10.48 -22.08
CA VAL B 46 3.63 -9.72 -21.09
C VAL B 46 3.38 -10.50 -19.78
N LEU B 47 4.43 -10.82 -19.05
CA LEU B 47 4.25 -11.56 -17.80
C LEU B 47 4.95 -10.92 -16.62
N TYR B 48 4.35 -11.07 -15.44
CA TYR B 48 4.96 -10.55 -14.23
C TYR B 48 6.09 -11.54 -13.97
N ALA B 49 7.33 -11.05 -14.05
CA ALA B 49 8.54 -11.84 -13.89
C ALA B 49 8.61 -12.95 -12.81
N MET B 50 8.22 -12.63 -11.59
CA MET B 50 8.30 -13.60 -10.53
C MET B 50 7.11 -14.58 -10.48
N PRO B 51 7.39 -15.86 -10.17
CA PRO B 51 6.30 -16.83 -10.09
C PRO B 51 5.62 -16.55 -8.74
N VAL B 52 4.29 -16.64 -8.71
CA VAL B 52 3.57 -16.42 -7.47
C VAL B 52 3.05 -17.78 -7.11
N ARG B 53 3.26 -18.19 -5.87
CA ARG B 53 2.78 -19.48 -5.36
C ARG B 53 1.29 -19.35 -4.97
N ILE B 54 0.39 -19.79 -5.85
CA ILE B 54 -1.04 -19.66 -5.56
C ILE B 54 -1.61 -20.59 -4.51
N TRP B 55 -1.02 -21.76 -4.32
CA TRP B 55 -1.51 -22.67 -3.28
C TRP B 55 -0.38 -23.45 -2.67
N SER B 56 -0.62 -24.00 -1.49
CA SER B 56 0.40 -24.77 -0.79
C SER B 56 0.03 -26.23 -0.58
N SER B 57 0.92 -27.11 -1.07
CA SER B 57 0.73 -28.54 -0.95
C SER B 57 0.77 -28.92 0.52
N ALA B 58 1.26 -28.00 1.34
CA ALA B 58 1.37 -28.22 2.77
C ALA B 58 0.13 -27.71 3.54
N THR B 59 -0.27 -26.48 3.27
CA THR B 59 -1.43 -25.88 3.93
C THR B 59 -2.71 -26.43 3.33
N GLY B 60 -2.71 -26.65 2.02
CA GLY B 60 -3.89 -27.13 1.34
C GLY B 60 -4.68 -25.91 0.90
N ASN B 61 -4.22 -24.75 1.37
CA ASN B 61 -4.83 -23.45 1.08
C ASN B 61 -4.56 -22.92 -0.31
N VAL B 62 -5.46 -22.04 -0.74
CA VAL B 62 -5.37 -21.41 -2.05
C VAL B 62 -5.52 -19.92 -1.85
N ALA B 63 -4.63 -19.16 -2.48
CA ALA B 63 -4.68 -17.71 -2.37
C ALA B 63 -5.88 -17.03 -3.07
N SER B 64 -6.23 -15.85 -2.59
CA SER B 64 -7.30 -15.07 -3.17
C SER B 64 -6.53 -13.91 -3.78
N PHE B 65 -7.06 -13.31 -4.84
CA PHE B 65 -6.39 -12.17 -5.42
C PHE B 65 -7.36 -11.16 -5.97
N LEU B 66 -6.91 -9.91 -5.95
CA LEU B 66 -7.67 -8.77 -6.42
C LEU B 66 -6.81 -8.04 -7.41
N THR B 67 -7.11 -8.21 -8.68
CA THR B 67 -6.35 -7.56 -9.70
C THR B 67 -7.25 -6.78 -10.63
N SER B 68 -6.84 -5.57 -10.98
CA SER B 68 -7.62 -4.75 -11.89
C SER B 68 -6.65 -4.17 -12.90
N PHE B 69 -7.12 -4.01 -14.14
CA PHE B 69 -6.29 -3.50 -15.22
C PHE B 69 -7.11 -2.75 -16.27
N SER B 70 -6.43 -2.00 -17.14
CA SER B 70 -7.11 -1.25 -18.18
C SER B 70 -6.44 -1.47 -19.53
N PHE B 71 -7.25 -1.52 -20.57
CA PHE B 71 -6.71 -1.73 -21.91
C PHE B 71 -7.48 -0.94 -22.98
N GLU B 72 -7.00 -1.02 -24.22
CA GLU B 72 -7.62 -0.32 -25.34
C GLU B 72 -7.33 -1.07 -26.61
N MET B 73 -8.31 -1.17 -27.49
CA MET B 73 -8.10 -1.86 -28.76
C MET B 73 -8.65 -0.99 -29.88
N LYS B 74 -7.75 -0.30 -30.58
CA LYS B 74 -8.15 0.57 -31.69
C LYS B 74 -8.07 -0.18 -33.01
N ASP B 75 -9.06 0.03 -33.88
CA ASP B 75 -9.11 -0.64 -35.19
C ASP B 75 -8.12 -0.04 -36.17
N ILE B 76 -7.87 -0.72 -37.29
CA ILE B 76 -6.98 -0.20 -38.31
C ILE B 76 -7.53 -0.44 -39.71
N LYS B 77 -7.71 0.66 -40.43
CA LYS B 77 -8.23 0.68 -41.79
C LYS B 77 -8.01 -0.61 -42.58
N ASP B 78 -9.09 -1.14 -43.15
CA ASP B 78 -9.04 -2.35 -43.95
C ASP B 78 -8.55 -3.60 -43.20
N TYR B 79 -9.07 -3.83 -42.00
CA TYR B 79 -8.66 -4.99 -41.22
C TYR B 79 -9.72 -5.48 -40.26
N ASP B 80 -9.82 -6.79 -40.10
CA ASP B 80 -10.81 -7.30 -39.18
C ASP B 80 -10.25 -7.17 -37.75
N PRO B 81 -11.03 -6.56 -36.85
CA PRO B 81 -10.60 -6.40 -35.46
C PRO B 81 -10.46 -7.74 -34.74
N ALA B 82 -9.23 -8.16 -34.47
CA ALA B 82 -8.96 -9.43 -33.80
C ALA B 82 -7.51 -9.44 -33.29
N ASP B 83 -7.16 -10.39 -32.41
CA ASP B 83 -8.07 -11.42 -31.90
C ASP B 83 -8.70 -11.04 -30.55
N GLY B 84 -8.06 -10.13 -29.86
CA GLY B 84 -8.53 -9.68 -28.56
C GLY B 84 -7.43 -9.86 -27.54
N ILE B 85 -7.64 -9.34 -26.33
CA ILE B 85 -6.64 -9.48 -25.28
C ILE B 85 -7.06 -10.65 -24.38
N ILE B 86 -6.19 -11.06 -23.46
CA ILE B 86 -6.51 -12.13 -22.52
C ILE B 86 -5.62 -12.03 -21.28
N PHE B 87 -6.26 -12.10 -20.11
CA PHE B 87 -5.56 -12.04 -18.84
C PHE B 87 -5.51 -13.50 -18.42
N PHE B 88 -4.32 -14.03 -18.18
CA PHE B 88 -4.21 -15.44 -17.84
C PHE B 88 -3.22 -15.85 -16.76
N ILE B 89 -3.34 -17.10 -16.35
CA ILE B 89 -2.50 -17.72 -15.32
C ILE B 89 -1.95 -19.01 -15.91
N ALA B 90 -0.65 -19.24 -15.76
CA ALA B 90 -0.05 -20.43 -16.35
C ALA B 90 1.07 -21.00 -15.50
N PRO B 91 1.55 -22.20 -15.85
CA PRO B 91 2.65 -22.80 -15.10
C PRO B 91 3.87 -21.89 -15.27
N GLU B 92 4.64 -21.72 -14.20
CA GLU B 92 5.82 -20.85 -14.22
C GLU B 92 6.71 -21.05 -15.44
N ASP B 93 6.74 -22.26 -15.99
CA ASP B 93 7.58 -22.57 -17.16
C ASP B 93 6.99 -22.21 -18.55
N THR B 94 5.79 -21.63 -18.55
CA THR B 94 5.05 -21.23 -19.75
C THR B 94 5.83 -20.58 -20.90
N GLN B 95 5.88 -21.27 -22.03
CA GLN B 95 6.55 -20.76 -23.23
C GLN B 95 5.45 -20.16 -24.08
N ILE B 96 5.82 -19.26 -24.98
CA ILE B 96 4.80 -18.64 -25.82
C ILE B 96 4.41 -19.57 -26.95
N PRO B 97 3.12 -19.93 -27.00
CA PRO B 97 2.56 -20.81 -28.02
C PRO B 97 3.05 -20.47 -29.42
N ALA B 98 2.89 -21.45 -30.31
CA ALA B 98 3.27 -21.30 -31.71
C ALA B 98 2.39 -20.24 -32.35
N GLY B 99 2.98 -19.31 -33.08
CA GLY B 99 2.18 -18.29 -33.75
C GLY B 99 1.36 -19.09 -34.75
N SER B 100 0.09 -18.71 -34.99
CA SER B 100 -0.76 -19.43 -35.94
C SER B 100 -1.31 -18.37 -36.87
N ILE B 101 -2.07 -18.71 -37.91
CA ILE B 101 -2.45 -17.58 -38.79
C ILE B 101 -3.87 -17.11 -38.96
N GLY B 102 -4.74 -17.80 -39.66
CA GLY B 102 -6.09 -17.30 -39.76
C GLY B 102 -6.54 -17.29 -38.30
N GLY B 103 -6.03 -18.30 -37.60
CA GLY B 103 -6.32 -18.58 -36.21
C GLY B 103 -6.51 -17.45 -35.21
N GLY B 104 -6.99 -17.86 -34.03
CA GLY B 104 -7.25 -16.93 -32.95
C GLY B 104 -7.09 -17.65 -31.63
N THR B 105 -5.87 -18.10 -31.37
CA THR B 105 -5.53 -18.80 -30.15
C THR B 105 -5.21 -17.82 -29.04
N LEU B 106 -5.37 -16.53 -29.29
CA LEU B 106 -5.10 -15.51 -28.28
C LEU B 106 -3.71 -15.64 -27.66
N GLY B 107 -2.84 -16.36 -28.34
CA GLY B 107 -1.48 -16.54 -27.87
C GLY B 107 -1.28 -17.42 -26.65
N VAL B 108 -2.18 -18.36 -26.39
CA VAL B 108 -2.04 -19.25 -25.23
C VAL B 108 -2.33 -20.72 -25.52
N SER B 109 -2.65 -21.04 -26.77
CA SER B 109 -2.98 -22.41 -27.19
C SER B 109 -2.44 -22.86 -28.56
N ASP B 110 -2.60 -24.15 -28.87
CA ASP B 110 -2.14 -24.66 -30.15
C ASP B 110 -3.19 -24.38 -31.20
N THR B 111 -2.97 -24.87 -32.41
CA THR B 111 -3.90 -24.69 -33.52
C THR B 111 -5.28 -25.23 -33.15
N LYS B 112 -5.29 -26.32 -32.36
CA LYS B 112 -6.54 -26.95 -31.92
C LYS B 112 -7.30 -26.12 -30.87
N GLY B 113 -6.59 -25.30 -30.09
CA GLY B 113 -7.25 -24.50 -29.09
C GLY B 113 -7.00 -25.00 -27.68
N ALA B 114 -6.09 -25.98 -27.55
CA ALA B 114 -5.74 -26.56 -26.25
C ALA B 114 -4.52 -25.84 -25.65
N GLY B 115 -4.33 -25.98 -24.35
CA GLY B 115 -3.19 -25.34 -23.70
C GLY B 115 -3.31 -25.45 -22.20
N HIS B 116 -2.22 -25.29 -21.48
CA HIS B 116 -2.30 -25.39 -20.01
C HIS B 116 -2.26 -24.01 -19.36
N PHE B 117 -3.45 -23.50 -19.06
CA PHE B 117 -3.60 -22.18 -18.46
C PHE B 117 -5.05 -21.95 -18.06
N VAL B 118 -5.32 -20.85 -17.36
CA VAL B 118 -6.66 -20.50 -16.95
C VAL B 118 -6.68 -18.99 -17.14
N GLY B 119 -7.70 -18.48 -17.81
CA GLY B 119 -7.77 -17.04 -18.04
C GLY B 119 -9.10 -16.40 -18.40
N VAL B 120 -9.14 -15.08 -18.40
CA VAL B 120 -10.35 -14.35 -18.76
C VAL B 120 -10.03 -13.72 -20.11
N GLU B 121 -10.87 -13.97 -21.10
CA GLU B 121 -10.64 -13.42 -22.43
C GLU B 121 -11.61 -12.30 -22.81
N PHE B 122 -11.11 -11.37 -23.61
CA PHE B 122 -11.86 -10.22 -24.11
C PHE B 122 -11.77 -10.31 -25.63
N ASP B 123 -12.43 -11.35 -26.15
CA ASP B 123 -12.50 -11.72 -27.56
C ASP B 123 -13.41 -10.84 -28.43
N THR B 124 -12.87 -10.39 -29.57
CA THR B 124 -13.62 -9.52 -30.48
C THR B 124 -13.85 -10.08 -31.89
N TYR B 125 -13.68 -11.39 -32.07
CA TYR B 125 -13.88 -11.98 -33.39
C TYR B 125 -14.26 -13.44 -33.30
N SER B 126 -15.40 -13.81 -33.87
CA SER B 126 -15.91 -15.18 -33.82
C SER B 126 -15.22 -16.19 -34.75
N ASN B 127 -14.93 -17.37 -34.22
CA ASN B 127 -14.29 -18.43 -34.99
C ASN B 127 -15.09 -19.71 -34.80
N SER B 128 -15.84 -20.12 -35.82
CA SER B 128 -16.63 -21.34 -35.74
C SER B 128 -15.76 -22.46 -35.16
N GLU B 129 -14.47 -22.38 -35.45
CA GLU B 129 -13.48 -23.37 -35.01
C GLU B 129 -13.31 -23.59 -33.51
N TYR B 130 -13.70 -22.61 -32.70
CA TYR B 130 -13.55 -22.73 -31.25
C TYR B 130 -14.86 -22.40 -30.50
N ASN B 131 -15.99 -22.46 -31.21
CA ASN B 131 -17.30 -22.19 -30.61
C ASN B 131 -17.56 -20.72 -30.27
N ASP B 132 -16.74 -19.82 -30.77
CA ASP B 132 -16.93 -18.40 -30.50
C ASP B 132 -18.37 -17.96 -30.68
N PRO B 133 -19.00 -17.42 -29.62
CA PRO B 133 -20.38 -16.95 -29.74
C PRO B 133 -20.47 -16.01 -30.94
N PRO B 134 -21.68 -15.84 -31.51
CA PRO B 134 -21.87 -14.97 -32.66
C PRO B 134 -21.13 -13.63 -32.62
N THR B 135 -21.09 -12.98 -31.47
CA THR B 135 -20.42 -11.68 -31.37
C THR B 135 -19.41 -11.54 -30.26
N ASP B 136 -18.89 -10.32 -30.12
CA ASP B 136 -17.91 -9.98 -29.10
C ASP B 136 -18.34 -10.54 -27.75
N HIS B 137 -17.37 -11.06 -27.01
CA HIS B 137 -17.67 -11.65 -25.71
C HIS B 137 -16.51 -11.61 -24.74
N VAL B 138 -16.83 -11.89 -23.48
CA VAL B 138 -15.86 -11.97 -22.40
C VAL B 138 -16.02 -13.42 -21.96
N GLY B 139 -14.92 -14.16 -21.84
CA GLY B 139 -15.07 -15.55 -21.45
C GLY B 139 -14.20 -15.99 -20.31
N ILE B 140 -14.35 -17.24 -19.92
CA ILE B 140 -13.58 -17.81 -18.83
C ILE B 140 -13.01 -19.09 -19.38
N ASP B 141 -11.75 -19.05 -19.80
CA ASP B 141 -11.09 -20.21 -20.35
C ASP B 141 -10.37 -21.02 -19.29
N VAL B 142 -10.40 -22.34 -19.47
CA VAL B 142 -9.71 -23.26 -18.58
C VAL B 142 -9.09 -24.30 -19.51
N ASN B 143 -7.81 -24.11 -19.81
CA ASN B 143 -7.07 -25.02 -20.70
C ASN B 143 -7.60 -25.11 -22.12
N SER B 144 -8.38 -24.13 -22.55
CA SER B 144 -8.94 -24.16 -23.90
C SER B 144 -9.49 -22.81 -24.29
N VAL B 145 -9.26 -22.40 -25.54
CA VAL B 145 -9.78 -21.13 -26.03
C VAL B 145 -11.30 -21.18 -26.31
N ASP B 146 -11.87 -22.38 -26.15
CA ASP B 146 -13.31 -22.63 -26.27
C ASP B 146 -13.85 -22.37 -24.85
N SER B 147 -14.07 -21.10 -24.53
CA SER B 147 -14.53 -20.72 -23.20
C SER B 147 -15.48 -21.67 -22.50
N VAL B 148 -15.28 -21.81 -21.19
CA VAL B 148 -16.13 -22.64 -20.36
C VAL B 148 -17.47 -21.92 -20.27
N LYS B 149 -17.42 -20.61 -20.05
CA LYS B 149 -18.62 -19.79 -19.99
C LYS B 149 -18.34 -18.49 -20.74
N THR B 150 -19.37 -17.86 -21.28
CA THR B 150 -19.19 -16.61 -21.99
C THR B 150 -20.39 -15.70 -21.77
N VAL B 151 -20.17 -14.40 -21.94
CA VAL B 151 -21.22 -13.43 -21.77
C VAL B 151 -21.08 -12.38 -22.86
N PRO B 152 -22.21 -11.93 -23.44
CA PRO B 152 -22.17 -10.93 -24.49
C PRO B 152 -21.53 -9.65 -24.04
N TRP B 153 -20.54 -9.22 -24.81
CA TRP B 153 -19.84 -7.97 -24.53
C TRP B 153 -19.71 -7.24 -25.86
N ASN B 154 -19.36 -5.97 -25.83
CA ASN B 154 -19.19 -5.21 -27.05
C ASN B 154 -17.91 -4.37 -27.01
N SER B 155 -16.96 -4.66 -27.90
CA SER B 155 -15.70 -3.92 -27.93
C SER B 155 -15.81 -2.64 -28.77
N VAL B 156 -15.38 -1.54 -28.17
CA VAL B 156 -15.42 -0.24 -28.83
C VAL B 156 -14.04 0.35 -29.10
N SER B 157 -13.74 0.52 -30.39
CA SER B 157 -12.45 1.04 -30.82
C SER B 157 -12.06 2.35 -30.13
N GLY B 158 -10.81 2.39 -29.69
CA GLY B 158 -10.29 3.58 -29.03
C GLY B 158 -10.87 3.87 -27.67
N ALA B 159 -11.58 2.91 -27.09
CA ALA B 159 -12.15 3.12 -25.77
C ALA B 159 -11.28 2.44 -24.72
N VAL B 160 -11.04 3.14 -23.60
CA VAL B 160 -10.26 2.60 -22.49
C VAL B 160 -11.16 1.77 -21.58
N VAL B 161 -10.79 0.52 -21.33
CA VAL B 161 -11.61 -0.34 -20.50
C VAL B 161 -10.99 -0.59 -19.14
N LYS B 162 -11.83 -0.62 -18.11
CA LYS B 162 -11.35 -0.90 -16.77
C LYS B 162 -11.90 -2.26 -16.37
N VAL B 163 -11.03 -3.10 -15.82
CA VAL B 163 -11.45 -4.43 -15.44
C VAL B 163 -11.03 -4.79 -14.02
N THR B 164 -11.99 -5.19 -13.19
CA THR B 164 -11.70 -5.60 -11.82
C THR B 164 -11.99 -7.11 -11.67
N VAL B 165 -10.97 -7.85 -11.24
CA VAL B 165 -11.07 -9.30 -11.06
C VAL B 165 -10.87 -9.63 -9.61
N ILE B 166 -11.68 -10.56 -9.11
CA ILE B 166 -11.60 -11.00 -7.71
C ILE B 166 -11.66 -12.52 -7.69
N TYR B 167 -10.83 -13.14 -6.86
CA TYR B 167 -10.85 -14.59 -6.73
C TYR B 167 -10.98 -14.93 -5.25
N ASP B 168 -11.98 -15.75 -4.92
CA ASP B 168 -12.19 -16.13 -3.53
C ASP B 168 -11.53 -17.45 -3.26
N SER B 169 -10.62 -17.45 -2.29
CA SER B 169 -9.86 -18.64 -1.92
C SER B 169 -10.74 -19.85 -1.63
N SER B 170 -11.79 -19.65 -0.83
CA SER B 170 -12.68 -20.73 -0.46
C SER B 170 -13.65 -21.14 -1.57
N THR B 171 -14.64 -20.30 -1.81
CA THR B 171 -15.65 -20.56 -2.83
C THR B 171 -15.07 -20.83 -4.22
N LYS B 172 -13.76 -20.66 -4.37
CA LYS B 172 -13.07 -20.88 -5.65
C LYS B 172 -13.79 -20.18 -6.80
N THR B 173 -14.32 -18.99 -6.52
CA THR B 173 -15.05 -18.21 -7.50
C THR B 173 -14.24 -17.07 -8.15
N LEU B 174 -14.10 -17.15 -9.47
CA LEU B 174 -13.39 -16.12 -10.23
C LEU B 174 -14.47 -15.15 -10.74
N SER B 175 -14.44 -13.91 -10.28
CA SER B 175 -15.45 -12.93 -10.68
C SER B 175 -14.91 -11.67 -11.37
N VAL B 176 -15.28 -11.51 -12.64
CA VAL B 176 -14.87 -10.38 -13.44
C VAL B 176 -15.95 -9.29 -13.52
N ALA B 177 -15.52 -8.06 -13.80
CA ALA B 177 -16.41 -6.92 -13.93
C ALA B 177 -15.80 -5.93 -14.93
N VAL B 178 -16.39 -5.89 -16.12
CA VAL B 178 -15.92 -5.03 -17.19
C VAL B 178 -16.65 -3.69 -17.24
N THR B 179 -15.91 -2.61 -17.04
CA THR B 179 -16.49 -1.28 -17.09
C THR B 179 -16.20 -0.64 -18.45
N ASN B 180 -17.26 -0.37 -19.22
CA ASN B 180 -17.15 0.24 -20.55
C ASN B 180 -17.04 1.76 -20.53
N ASP B 181 -16.77 2.35 -21.69
CA ASP B 181 -16.62 3.80 -21.77
C ASP B 181 -17.87 4.56 -21.35
N ASN B 182 -19.03 4.16 -21.87
CA ASN B 182 -20.29 4.83 -21.55
C ASN B 182 -20.71 4.76 -20.08
N GLY B 183 -20.20 3.74 -19.38
CA GLY B 183 -20.52 3.57 -17.97
C GLY B 183 -20.96 2.16 -17.63
N ASP B 184 -21.83 1.59 -18.45
CA ASP B 184 -22.35 0.24 -18.26
C ASP B 184 -21.31 -0.77 -17.85
N ILE B 185 -21.70 -1.71 -16.98
CA ILE B 185 -20.80 -2.77 -16.54
C ILE B 185 -21.26 -4.15 -16.98
N THR B 186 -20.29 -4.96 -17.40
CA THR B 186 -20.53 -6.31 -17.84
C THR B 186 -19.85 -7.16 -16.76
N THR B 187 -20.47 -8.27 -16.36
CA THR B 187 -19.87 -9.14 -15.34
C THR B 187 -20.13 -10.62 -15.65
N ILE B 188 -19.17 -11.45 -15.27
CA ILE B 188 -19.25 -12.89 -15.46
C ILE B 188 -18.50 -13.50 -14.27
N ALA B 189 -18.84 -14.72 -13.88
CA ALA B 189 -18.21 -15.37 -12.74
C ALA B 189 -18.17 -16.88 -12.96
N GLN B 190 -17.18 -17.54 -12.40
CA GLN B 190 -17.06 -18.97 -12.58
C GLN B 190 -16.16 -19.60 -11.53
N VAL B 191 -16.53 -20.82 -11.14
CA VAL B 191 -15.76 -21.56 -10.17
C VAL B 191 -14.65 -22.23 -10.95
N VAL B 192 -13.43 -22.15 -10.43
CA VAL B 192 -12.30 -22.79 -11.08
C VAL B 192 -11.34 -23.16 -9.97
N ASP B 193 -11.20 -24.46 -9.68
CA ASP B 193 -10.27 -24.85 -8.64
C ASP B 193 -8.85 -24.58 -9.17
N LEU B 194 -8.28 -23.48 -8.71
CA LEU B 194 -6.94 -23.13 -9.14
C LEU B 194 -5.98 -24.23 -8.73
N LYS B 195 -6.26 -24.86 -7.58
CA LYS B 195 -5.45 -25.95 -7.05
C LYS B 195 -5.60 -27.24 -7.85
N ALA B 196 -6.60 -27.28 -8.72
CA ALA B 196 -6.86 -28.45 -9.54
C ALA B 196 -6.29 -28.34 -10.95
N LYS B 197 -6.23 -27.14 -11.49
CA LYS B 197 -5.73 -26.94 -12.85
C LYS B 197 -4.29 -26.44 -12.96
N LEU B 198 -3.83 -25.70 -11.95
CA LEU B 198 -2.49 -25.14 -11.98
C LEU B 198 -1.51 -25.66 -10.94
N PRO B 199 -0.21 -25.68 -11.28
CA PRO B 199 0.80 -26.16 -10.35
C PRO B 199 0.91 -25.11 -9.24
N GLU B 200 1.64 -25.44 -8.17
CA GLU B 200 1.79 -24.51 -7.06
C GLU B 200 2.24 -23.12 -7.51
N ARG B 201 3.30 -23.09 -8.31
CA ARG B 201 3.85 -21.82 -8.80
C ARG B 201 3.38 -21.52 -10.20
N VAL B 202 2.67 -20.41 -10.35
CA VAL B 202 2.16 -19.99 -11.67
C VAL B 202 2.69 -18.60 -11.98
N LYS B 203 2.27 -18.05 -13.13
CA LYS B 203 2.64 -16.70 -13.55
C LYS B 203 1.42 -15.96 -14.09
N PHE B 204 1.34 -14.66 -13.81
CA PHE B 204 0.21 -13.88 -14.27
C PHE B 204 0.66 -12.98 -15.42
N GLY B 205 -0.23 -12.75 -16.37
CA GLY B 205 0.11 -11.89 -17.49
C GLY B 205 -1.04 -11.65 -18.44
N PHE B 206 -0.76 -10.94 -19.52
CA PHE B 206 -1.74 -10.63 -20.56
C PHE B 206 -1.16 -11.12 -21.88
N SER B 207 -2.00 -11.71 -22.72
CA SER B 207 -1.57 -12.23 -24.02
C SER B 207 -2.50 -11.77 -25.13
N ALA B 208 -2.00 -11.80 -26.36
CA ALA B 208 -2.80 -11.39 -27.50
C ALA B 208 -2.33 -12.12 -28.75
N SER B 209 -3.04 -11.90 -29.84
CA SER B 209 -2.75 -12.54 -31.11
C SER B 209 -3.49 -11.89 -32.27
N GLY B 210 -2.99 -12.15 -33.47
CA GLY B 210 -3.60 -11.63 -34.68
C GLY B 210 -3.55 -12.67 -35.78
N SER B 211 -4.17 -12.37 -36.90
CA SER B 211 -4.18 -13.30 -38.01
C SER B 211 -3.67 -12.66 -39.28
N LEU B 212 -3.89 -13.34 -40.41
CA LEU B 212 -3.48 -12.80 -41.69
C LEU B 212 -4.44 -11.66 -42.04
N GLY B 213 -5.73 -11.88 -41.83
CA GLY B 213 -6.71 -10.86 -42.14
C GLY B 213 -7.27 -10.12 -40.95
N GLY B 214 -6.94 -10.61 -39.75
CA GLY B 214 -7.41 -9.99 -38.52
C GLY B 214 -6.28 -9.34 -37.74
N ARG B 215 -6.39 -8.04 -37.56
CA ARG B 215 -5.37 -7.30 -36.83
C ARG B 215 -5.96 -6.04 -36.21
N GLN B 216 -5.32 -5.59 -35.13
CA GLN B 216 -5.71 -4.38 -34.43
C GLN B 216 -4.68 -4.12 -33.35
N ILE B 217 -4.75 -2.96 -32.74
CA ILE B 217 -3.82 -2.62 -31.68
C ILE B 217 -4.36 -3.13 -30.35
N HIS B 218 -3.48 -3.68 -29.54
CA HIS B 218 -3.85 -4.22 -28.24
C HIS B 218 -2.99 -3.53 -27.18
N LEU B 219 -3.59 -2.57 -26.49
CA LEU B 219 -2.88 -1.79 -25.46
C LEU B 219 -3.23 -2.07 -24.00
N ILE B 220 -2.21 -2.43 -23.22
CA ILE B 220 -2.36 -2.66 -21.79
C ILE B 220 -1.83 -1.36 -21.18
N ARG B 221 -2.75 -0.54 -20.71
CA ARG B 221 -2.43 0.76 -20.13
C ARG B 221 -1.98 0.68 -18.70
N SER B 222 -2.62 -0.18 -17.91
CA SER B 222 -2.20 -0.27 -16.53
C SER B 222 -2.56 -1.60 -15.92
N TRP B 223 -1.89 -1.89 -14.81
CA TRP B 223 -2.12 -3.14 -14.11
C TRP B 223 -1.72 -3.10 -12.63
N SER B 224 -2.65 -3.56 -11.79
CA SER B 224 -2.43 -3.62 -10.35
C SER B 224 -2.93 -4.97 -9.87
N PHE B 225 -2.07 -5.68 -9.14
CA PHE B 225 -2.40 -7.00 -8.66
C PHE B 225 -2.03 -7.20 -7.21
N THR B 226 -2.85 -7.99 -6.54
CA THR B 226 -2.64 -8.33 -5.14
C THR B 226 -3.23 -9.70 -4.80
N SER B 227 -2.39 -10.55 -4.22
CA SER B 227 -2.81 -11.89 -3.84
C SER B 227 -2.34 -12.17 -2.43
N THR B 228 -3.15 -12.88 -1.65
CA THR B 228 -2.76 -13.18 -0.29
C THR B 228 -2.99 -14.64 -0.02
N LEU B 229 -1.95 -15.31 0.44
CA LEU B 229 -2.02 -16.72 0.75
C LEU B 229 -1.90 -16.97 2.22
N ILE B 230 -3.01 -17.36 2.83
CA ILE B 230 -3.02 -17.66 4.26
C ILE B 230 -2.25 -18.95 4.51
N THR B 231 -1.34 -18.90 5.49
CA THR B 231 -0.53 -20.04 5.84
C THR B 231 -0.22 -20.11 7.34
N THR B 232 -1.01 -20.91 8.06
CA THR B 232 -0.83 -21.08 9.50
C THR B 232 -1.94 -21.97 10.03
N ALA C 1 -29.37 -0.72 -22.13
CA ALA C 1 -29.51 -1.18 -20.72
C ALA C 1 -29.89 -0.01 -19.81
N GLU C 2 -30.15 -0.32 -18.54
CA GLU C 2 -30.51 0.71 -17.56
C GLU C 2 -29.35 0.81 -16.57
N THR C 3 -28.52 1.84 -16.68
CA THR C 3 -27.38 1.95 -15.78
C THR C 3 -27.46 3.03 -14.72
N VAL C 4 -27.10 2.69 -13.49
CA VAL C 4 -27.07 3.65 -12.38
C VAL C 4 -25.64 3.76 -11.86
N SER C 5 -25.13 4.97 -11.69
CA SER C 5 -23.78 5.12 -11.20
C SER C 5 -23.58 6.48 -10.55
N PHE C 6 -22.76 6.50 -9.50
CA PHE C 6 -22.44 7.73 -8.77
C PHE C 6 -21.08 7.58 -8.10
N ASN C 7 -20.53 8.66 -7.59
CA ASN C 7 -19.22 8.59 -6.94
C ASN C 7 -19.04 9.68 -5.91
N PHE C 8 -18.76 9.30 -4.66
CA PHE C 8 -18.58 10.29 -3.59
C PHE C 8 -17.17 10.28 -3.01
N ASN C 9 -16.40 11.32 -3.30
CA ASN C 9 -15.06 11.41 -2.77
C ASN C 9 -15.16 12.10 -1.40
N SER C 10 -16.31 12.71 -1.16
CA SER C 10 -16.58 13.38 0.10
C SER C 10 -18.08 13.66 0.19
N PHE C 11 -18.56 13.94 1.40
CA PHE C 11 -19.97 14.19 1.62
C PHE C 11 -20.21 15.54 2.28
N SER C 12 -21.49 15.92 2.37
CA SER C 12 -21.94 17.18 2.97
C SER C 12 -23.41 16.95 3.34
N GLU C 13 -23.82 17.39 4.53
CA GLU C 13 -25.18 17.15 4.99
C GLU C 13 -26.28 18.01 4.40
N GLY C 14 -26.09 18.44 3.16
CA GLY C 14 -27.07 19.26 2.47
C GLY C 14 -27.28 18.74 1.07
N ASN C 15 -26.66 17.60 0.76
CA ASN C 15 -26.76 16.97 -0.55
C ASN C 15 -28.02 16.11 -0.65
N PRO C 16 -28.96 16.50 -1.54
CA PRO C 16 -30.23 15.76 -1.71
C PRO C 16 -30.08 14.28 -2.01
N ALA C 17 -28.95 13.90 -2.61
CA ALA C 17 -28.69 12.52 -3.00
C ALA C 17 -28.46 11.55 -1.84
N ILE C 18 -28.26 12.08 -0.65
CA ILE C 18 -28.02 11.23 0.50
C ILE C 18 -29.09 11.36 1.57
N ASN C 19 -29.54 10.23 2.11
CA ASN C 19 -30.55 10.23 3.16
C ASN C 19 -29.83 9.89 4.46
N PHE C 20 -30.00 10.72 5.48
CA PHE C 20 -29.36 10.47 6.76
C PHE C 20 -30.41 10.02 7.75
N GLN C 21 -30.13 8.94 8.46
CA GLN C 21 -31.06 8.40 9.45
C GLN C 21 -30.21 8.16 10.69
N GLY C 22 -30.79 8.38 11.86
CA GLY C 22 -30.03 8.14 13.08
C GLY C 22 -28.98 9.19 13.42
N ASP C 23 -28.12 8.87 14.38
CA ASP C 23 -27.08 9.78 14.85
C ASP C 23 -26.02 10.15 13.82
N VAL C 24 -26.31 9.90 12.54
CA VAL C 24 -25.34 10.22 11.49
C VAL C 24 -24.96 11.69 11.58
N THR C 25 -23.75 12.00 11.11
CA THR C 25 -23.26 13.37 11.12
C THR C 25 -22.03 13.50 10.21
N VAL C 26 -21.94 14.63 9.50
CA VAL C 26 -20.83 14.87 8.57
C VAL C 26 -19.75 15.78 9.12
N LEU C 27 -18.52 15.28 9.09
CA LEU C 27 -17.35 16.02 9.58
C LEU C 27 -16.89 17.10 8.61
N SER C 28 -16.00 17.96 9.10
CA SER C 28 -15.44 19.06 8.32
C SER C 28 -14.58 18.59 7.16
N ASN C 29 -14.08 17.36 7.26
CA ASN C 29 -13.22 16.80 6.22
C ASN C 29 -14.00 16.05 5.15
N GLY C 30 -15.33 15.99 5.27
CA GLY C 30 -16.12 15.31 4.27
C GLY C 30 -16.46 13.87 4.59
N ASN C 31 -16.00 13.39 5.73
CA ASN C 31 -16.29 12.02 6.13
C ASN C 31 -17.66 11.98 6.81
N ILE C 32 -18.25 10.79 6.86
CA ILE C 32 -19.55 10.60 7.49
C ILE C 32 -19.33 9.79 8.76
N GLN C 33 -19.72 10.34 9.90
CA GLN C 33 -19.58 9.65 11.18
C GLN C 33 -20.92 9.02 11.53
N LEU C 34 -21.05 7.72 11.31
CA LEU C 34 -22.30 7.01 11.55
C LEU C 34 -22.90 7.04 12.97
N THR C 35 -22.09 6.88 13.99
CA THR C 35 -22.66 6.90 15.34
C THR C 35 -22.16 8.04 16.22
N ASN C 36 -22.95 8.34 17.24
CA ASN C 36 -22.67 9.40 18.20
C ASN C 36 -21.85 8.81 19.35
N LEU C 37 -20.64 9.31 19.54
CA LEU C 37 -19.73 8.81 20.57
C LEU C 37 -20.23 8.76 22.01
N ASN C 38 -20.91 9.81 22.46
CA ASN C 38 -21.41 9.82 23.84
C ASN C 38 -22.92 9.67 23.91
N LYS C 39 -23.43 8.66 23.21
CA LYS C 39 -24.87 8.37 23.18
C LYS C 39 -25.01 6.85 23.37
N VAL C 40 -25.98 6.46 24.20
CA VAL C 40 -26.20 5.06 24.47
C VAL C 40 -27.04 4.44 23.37
N ASN C 41 -26.57 3.30 22.86
CA ASN C 41 -27.26 2.60 21.80
C ASN C 41 -27.41 3.48 20.56
N SER C 42 -26.31 4.13 20.20
CA SER C 42 -26.28 5.01 19.03
C SER C 42 -26.49 4.20 17.73
N VAL C 43 -27.17 4.80 16.77
CA VAL C 43 -27.41 4.14 15.49
C VAL C 43 -27.50 5.19 14.40
N GLY C 44 -26.64 5.05 13.40
CA GLY C 44 -26.63 5.98 12.29
C GLY C 44 -26.71 5.20 11.00
N ARG C 45 -27.38 5.76 10.00
CA ARG C 45 -27.50 5.09 8.73
C ARG C 45 -27.49 6.10 7.60
N VAL C 46 -26.98 5.71 6.44
CA VAL C 46 -26.92 6.61 5.31
C VAL C 46 -27.26 5.83 4.04
N LEU C 47 -28.18 6.37 3.25
CA LEU C 47 -28.65 5.72 2.04
C LEU C 47 -28.63 6.65 0.84
N TYR C 48 -28.36 6.11 -0.33
CA TYR C 48 -28.37 6.92 -1.54
C TYR C 48 -29.86 7.24 -1.70
N ALA C 49 -30.19 8.53 -1.74
CA ALA C 49 -31.57 8.97 -1.87
C ALA C 49 -32.39 8.26 -2.95
N MET C 50 -31.83 8.12 -4.13
CA MET C 50 -32.54 7.48 -5.23
C MET C 50 -32.55 5.94 -5.18
N PRO C 51 -33.73 5.33 -5.38
CA PRO C 51 -33.96 3.88 -5.40
C PRO C 51 -33.52 3.22 -6.71
N VAL C 52 -32.73 2.16 -6.59
CA VAL C 52 -32.19 1.43 -7.75
C VAL C 52 -33.00 0.19 -8.10
N ARG C 53 -33.51 0.16 -9.32
CA ARG C 53 -34.28 -1.00 -9.75
C ARG C 53 -33.32 -2.14 -10.06
N ILE C 54 -33.14 -3.06 -9.11
CA ILE C 54 -32.21 -4.18 -9.29
C ILE C 54 -32.72 -5.35 -10.12
N TRP C 55 -34.04 -5.49 -10.23
CA TRP C 55 -34.61 -6.57 -11.05
C TRP C 55 -35.97 -6.20 -11.64
N SER C 56 -36.31 -6.84 -12.76
CA SER C 56 -37.56 -6.58 -13.46
C SER C 56 -38.54 -7.75 -13.40
N SER C 57 -39.68 -7.50 -12.78
CA SER C 57 -40.74 -8.50 -12.66
C SER C 57 -41.20 -8.86 -14.07
N ALA C 58 -40.88 -7.97 -15.00
CA ALA C 58 -41.23 -8.11 -16.41
C ALA C 58 -40.36 -9.15 -17.11
N THR C 59 -39.12 -8.75 -17.35
CA THR C 59 -38.13 -9.56 -18.03
C THR C 59 -37.64 -10.76 -17.24
N GLY C 60 -37.54 -10.61 -15.92
CA GLY C 60 -37.06 -11.69 -15.10
C GLY C 60 -35.56 -11.53 -14.93
N ASN C 61 -35.07 -10.37 -15.36
CA ASN C 61 -33.65 -10.03 -15.27
C ASN C 61 -33.27 -9.43 -13.92
N VAL C 62 -31.99 -9.55 -13.58
CA VAL C 62 -31.45 -9.01 -12.34
C VAL C 62 -30.21 -8.19 -12.72
N ALA C 63 -29.99 -7.10 -12.02
CA ALA C 63 -28.84 -6.25 -12.34
C ALA C 63 -27.53 -6.71 -11.72
N SER C 64 -26.42 -6.30 -12.34
CA SER C 64 -25.11 -6.64 -11.84
C SER C 64 -24.57 -5.30 -11.39
N PHE C 65 -23.81 -5.31 -10.30
CA PHE C 65 -23.26 -4.05 -9.80
C PHE C 65 -21.87 -4.22 -9.24
N LEU C 66 -21.12 -3.13 -9.33
CA LEU C 66 -19.75 -3.07 -8.85
C LEU C 66 -19.63 -1.78 -8.05
N THR C 67 -19.28 -1.91 -6.78
CA THR C 67 -19.14 -0.74 -5.94
C THR C 67 -17.89 -0.92 -5.11
N SER C 68 -17.36 0.19 -4.60
CA SER C 68 -16.17 0.10 -3.78
C SER C 68 -16.17 1.30 -2.88
N PHE C 69 -15.79 1.10 -1.62
CA PHE C 69 -15.76 2.18 -0.65
C PHE C 69 -14.58 2.03 0.30
N SER C 70 -14.39 3.02 1.16
CA SER C 70 -13.30 2.95 2.13
C SER C 70 -13.82 3.52 3.44
N PHE C 71 -13.41 2.92 4.54
CA PHE C 71 -13.88 3.40 5.83
C PHE C 71 -12.76 3.36 6.85
N GLU C 72 -13.03 3.90 8.03
CA GLU C 72 -12.06 3.90 9.11
C GLU C 72 -12.74 3.70 10.46
N MET C 73 -12.19 2.81 11.28
CA MET C 73 -12.74 2.60 12.62
C MET C 73 -11.59 2.88 13.57
N LYS C 74 -11.88 3.65 14.62
CA LYS C 74 -10.86 4.04 15.59
C LYS C 74 -11.35 3.84 17.02
N ASP C 75 -10.43 3.47 17.91
CA ASP C 75 -10.79 3.24 19.30
C ASP C 75 -10.88 4.54 20.07
N ILE C 76 -11.81 4.61 21.01
CA ILE C 76 -11.97 5.77 21.89
C ILE C 76 -11.72 5.22 23.29
N LYS C 77 -10.95 5.94 24.10
CA LYS C 77 -10.62 5.50 25.46
C LYS C 77 -11.82 5.08 26.33
N ASP C 78 -11.56 4.15 27.26
CA ASP C 78 -12.58 3.63 28.18
C ASP C 78 -13.83 3.03 27.55
N TYR C 79 -13.77 2.70 26.26
CA TYR C 79 -14.94 2.13 25.57
C TYR C 79 -14.60 0.99 24.60
N ASP C 80 -15.30 -0.14 24.77
CA ASP C 80 -15.13 -1.32 23.91
C ASP C 80 -15.28 -0.97 22.42
N PRO C 81 -14.32 -1.37 21.59
CA PRO C 81 -14.45 -1.06 20.16
C PRO C 81 -15.61 -1.87 19.60
N ALA C 82 -16.75 -1.22 19.40
CA ALA C 82 -17.92 -1.91 18.88
C ALA C 82 -18.93 -0.90 18.32
N ASP C 83 -19.85 -1.35 17.46
CA ASP C 83 -19.96 -2.76 17.03
C ASP C 83 -19.47 -3.07 15.60
N GLY C 84 -19.40 -2.06 14.76
CA GLY C 84 -18.95 -2.29 13.39
C GLY C 84 -19.81 -1.58 12.36
N ILE C 85 -19.52 -1.86 11.10
CA ILE C 85 -20.23 -1.24 10.00
C ILE C 85 -20.78 -2.33 9.10
N ILE C 86 -21.82 -1.99 8.33
CA ILE C 86 -22.39 -2.96 7.41
C ILE C 86 -22.88 -2.26 6.13
N PHE C 87 -22.51 -2.81 4.98
CA PHE C 87 -22.94 -2.27 3.72
C PHE C 87 -24.24 -3.02 3.42
N PHE C 88 -25.37 -2.31 3.33
CA PHE C 88 -26.64 -2.97 3.09
C PHE C 88 -27.54 -2.54 1.92
N ILE C 89 -28.42 -3.46 1.54
CA ILE C 89 -29.38 -3.30 0.46
C ILE C 89 -30.76 -3.58 1.07
N ALA C 90 -31.69 -2.65 0.94
CA ALA C 90 -33.02 -2.83 1.53
C ALA C 90 -34.15 -2.18 0.74
N PRO C 91 -35.41 -2.55 1.05
CA PRO C 91 -36.56 -1.98 0.35
C PRO C 91 -36.48 -0.45 0.45
N GLU C 92 -37.02 0.24 -0.54
CA GLU C 92 -36.96 1.71 -0.59
C GLU C 92 -37.53 2.48 0.60
N ASP C 93 -38.35 1.83 1.42
CA ASP C 93 -38.96 2.47 2.59
C ASP C 93 -38.26 2.09 3.89
N THR C 94 -37.05 1.55 3.80
CA THR C 94 -36.28 1.11 4.96
C THR C 94 -35.99 2.18 6.02
N GLN C 95 -36.28 1.82 7.25
CA GLN C 95 -36.10 2.70 8.41
C GLN C 95 -35.31 2.02 9.51
N ILE C 96 -34.84 2.79 10.49
CA ILE C 96 -34.11 2.20 11.59
C ILE C 96 -35.17 1.44 12.42
N PRO C 97 -34.99 0.15 12.58
CA PRO C 97 -35.97 -0.66 13.35
C PRO C 97 -36.48 0.04 14.65
N ALA C 98 -37.78 0.09 14.75
CA ALA C 98 -38.42 0.73 15.89
C ALA C 98 -37.79 0.24 17.19
N GLY C 99 -37.45 1.19 18.08
CA GLY C 99 -36.83 0.85 19.33
C GLY C 99 -35.68 -0.14 19.17
N SER C 100 -34.68 0.25 18.38
CA SER C 100 -33.52 -0.61 18.12
C SER C 100 -32.41 -0.52 19.16
N ILE C 101 -32.19 -1.62 19.87
CA ILE C 101 -31.14 -1.67 20.90
C ILE C 101 -29.74 -1.24 20.43
N GLY C 102 -29.56 -1.12 19.12
CA GLY C 102 -28.28 -0.71 18.58
C GLY C 102 -27.29 -1.86 18.60
N GLY C 103 -26.12 -1.61 19.17
CA GLY C 103 -25.08 -2.62 19.29
C GLY C 103 -25.03 -3.72 18.25
N GLY C 104 -25.05 -4.96 18.74
CA GLY C 104 -24.99 -6.13 17.87
C GLY C 104 -25.98 -6.24 16.72
N THR C 105 -27.02 -5.40 16.70
CA THR C 105 -28.01 -5.46 15.62
C THR C 105 -27.54 -4.63 14.42
N LEU C 106 -26.47 -3.88 14.64
CA LEU C 106 -25.87 -3.03 13.59
C LEU C 106 -26.83 -2.02 12.97
N GLY C 107 -28.02 -1.87 13.54
CA GLY C 107 -28.98 -0.92 13.01
C GLY C 107 -29.78 -1.34 11.79
N VAL C 108 -29.94 -2.63 11.60
CA VAL C 108 -30.72 -3.12 10.47
C VAL C 108 -31.51 -4.35 10.91
N SER C 109 -31.49 -4.62 12.20
CA SER C 109 -32.21 -5.78 12.75
C SER C 109 -32.86 -5.49 14.10
N ASP C 110 -33.77 -6.37 14.49
CA ASP C 110 -34.48 -6.27 15.76
C ASP C 110 -33.61 -6.90 16.85
N THR C 111 -34.19 -7.14 18.01
CA THR C 111 -33.44 -7.74 19.10
C THR C 111 -32.93 -9.16 18.75
N LYS C 112 -33.77 -9.97 18.10
CA LYS C 112 -33.36 -11.33 17.74
C LYS C 112 -32.56 -11.28 16.43
N GLY C 113 -31.95 -10.12 16.18
CA GLY C 113 -31.15 -9.93 14.99
C GLY C 113 -31.79 -10.28 13.66
N ALA C 114 -33.04 -9.89 13.45
CA ALA C 114 -33.71 -10.17 12.17
C ALA C 114 -34.19 -8.88 11.51
N GLY C 115 -34.51 -8.96 10.23
CA GLY C 115 -34.98 -7.80 9.50
C GLY C 115 -35.05 -8.10 8.01
N HIS C 116 -35.41 -7.10 7.19
CA HIS C 116 -35.50 -7.31 5.75
C HIS C 116 -34.33 -6.58 5.08
N PHE C 117 -33.22 -7.28 4.88
CA PHE C 117 -32.02 -6.68 4.29
C PHE C 117 -30.97 -7.71 3.88
N VAL C 118 -30.14 -7.34 2.90
CA VAL C 118 -29.05 -8.18 2.46
C VAL C 118 -27.82 -7.30 2.72
N GLY C 119 -26.77 -7.83 3.32
CA GLY C 119 -25.60 -7.00 3.61
C GLY C 119 -24.26 -7.66 3.90
N VAL C 120 -23.22 -6.84 3.88
CA VAL C 120 -21.84 -7.27 4.14
C VAL C 120 -21.37 -6.50 5.36
N GLU C 121 -21.29 -7.19 6.48
CA GLU C 121 -20.89 -6.56 7.72
C GLU C 121 -19.40 -6.70 8.01
N PHE C 122 -18.86 -5.67 8.67
CA PHE C 122 -17.48 -5.63 9.09
C PHE C 122 -17.62 -5.52 10.60
N ASP C 123 -17.95 -6.68 11.18
CA ASP C 123 -18.19 -6.91 12.60
C ASP C 123 -16.92 -6.82 13.48
N THR C 124 -16.99 -6.08 14.59
CA THR C 124 -15.84 -5.95 15.50
C THR C 124 -16.12 -6.40 16.94
N TYR C 125 -17.27 -7.02 17.17
CA TYR C 125 -17.59 -7.52 18.51
C TYR C 125 -18.36 -8.83 18.41
N SER C 126 -18.00 -9.80 19.23
CA SER C 126 -18.67 -11.09 19.14
C SER C 126 -19.96 -11.12 19.98
N ASN C 127 -21.08 -11.35 19.30
CA ASN C 127 -22.39 -11.44 19.96
C ASN C 127 -22.82 -12.90 19.94
N SER C 128 -22.60 -13.62 21.04
CA SER C 128 -23.00 -15.03 21.06
C SER C 128 -24.48 -15.18 20.75
N GLU C 129 -25.26 -14.14 21.05
CA GLU C 129 -26.70 -14.16 20.80
C GLU C 129 -27.03 -14.11 19.31
N TYR C 130 -26.00 -14.05 18.46
CA TYR C 130 -26.18 -14.01 17.01
C TYR C 130 -25.26 -14.99 16.32
N ASN C 131 -24.65 -15.88 17.12
CA ASN C 131 -23.72 -16.90 16.62
C ASN C 131 -22.45 -16.30 16.04
N ASP C 132 -22.05 -15.14 16.55
CA ASP C 132 -20.84 -14.46 16.09
C ASP C 132 -19.57 -15.28 16.29
N PRO C 133 -18.66 -15.27 15.30
CA PRO C 133 -17.41 -16.03 15.44
C PRO C 133 -16.62 -15.31 16.56
N PRO C 134 -15.72 -16.02 17.26
CA PRO C 134 -14.94 -15.41 18.35
C PRO C 134 -14.03 -14.23 18.03
N THR C 135 -13.91 -13.87 16.76
CA THR C 135 -13.02 -12.77 16.42
C THR C 135 -13.61 -11.82 15.39
N ASP C 136 -12.95 -10.69 15.18
CA ASP C 136 -13.44 -9.73 14.20
C ASP C 136 -13.68 -10.58 12.97
N HIS C 137 -14.60 -10.15 12.13
CA HIS C 137 -14.89 -10.91 10.93
C HIS C 137 -15.66 -10.07 9.92
N VAL C 138 -15.81 -10.65 8.74
CA VAL C 138 -16.53 -10.00 7.67
C VAL C 138 -17.60 -11.03 7.36
N GLY C 139 -18.82 -10.59 7.09
CA GLY C 139 -19.85 -11.56 6.80
C GLY C 139 -20.91 -11.17 5.78
N ILE C 140 -21.54 -12.19 5.21
CA ILE C 140 -22.61 -12.04 4.24
C ILE C 140 -23.87 -12.30 5.04
N ASP C 141 -24.69 -11.26 5.20
CA ASP C 141 -25.92 -11.36 5.95
C ASP C 141 -27.12 -11.33 5.02
N VAL C 142 -28.10 -12.19 5.28
CA VAL C 142 -29.29 -12.26 4.45
C VAL C 142 -30.59 -12.30 5.25
N ASN C 143 -31.03 -11.11 5.67
CA ASN C 143 -32.24 -10.90 6.48
C ASN C 143 -32.02 -11.31 7.93
N SER C 144 -30.76 -11.21 8.38
CA SER C 144 -30.39 -11.61 9.72
C SER C 144 -28.90 -11.35 9.97
N VAL C 145 -28.58 -10.86 11.16
CA VAL C 145 -27.18 -10.61 11.52
C VAL C 145 -26.51 -11.95 11.95
N ASP C 146 -27.23 -13.06 11.75
CA ASP C 146 -26.71 -14.39 12.04
C ASP C 146 -26.24 -14.77 10.64
N SER C 147 -25.07 -14.26 10.32
CA SER C 147 -24.46 -14.46 9.01
C SER C 147 -24.62 -15.83 8.37
N VAL C 148 -24.85 -15.82 7.06
CA VAL C 148 -24.98 -17.03 6.27
C VAL C 148 -23.56 -17.56 6.09
N LYS C 149 -22.60 -16.66 6.24
CA LYS C 149 -21.19 -16.99 6.10
C LYS C 149 -20.30 -15.84 6.60
N THR C 150 -19.17 -16.18 7.23
CA THR C 150 -18.23 -15.18 7.69
C THR C 150 -16.82 -15.65 7.36
N VAL C 151 -15.87 -14.76 7.52
CA VAL C 151 -14.48 -15.06 7.25
C VAL C 151 -13.68 -14.19 8.22
N PRO C 152 -12.82 -14.82 9.02
CA PRO C 152 -12.01 -14.07 9.98
C PRO C 152 -11.38 -12.84 9.35
N TRP C 153 -11.28 -11.76 10.11
CA TRP C 153 -10.71 -10.50 9.61
C TRP C 153 -10.12 -9.75 10.80
N ASN C 154 -9.33 -8.71 10.56
CA ASN C 154 -8.74 -7.98 11.67
C ASN C 154 -8.80 -6.47 11.54
N SER C 155 -9.64 -5.86 12.38
CA SER C 155 -9.85 -4.42 12.39
C SER C 155 -8.71 -3.66 13.11
N VAL C 156 -7.97 -2.85 12.36
CA VAL C 156 -6.85 -2.05 12.90
C VAL C 156 -7.32 -0.63 13.16
N SER C 157 -7.24 -0.21 14.42
CA SER C 157 -7.71 1.12 14.78
C SER C 157 -7.01 2.26 14.04
N GLY C 158 -7.83 3.15 13.47
CA GLY C 158 -7.31 4.32 12.77
C GLY C 158 -6.74 4.09 11.37
N ALA C 159 -6.87 2.88 10.86
CA ALA C 159 -6.35 2.57 9.55
C ALA C 159 -7.45 2.60 8.50
N VAL C 160 -7.15 3.15 7.33
CA VAL C 160 -8.13 3.22 6.28
C VAL C 160 -8.20 1.89 5.56
N VAL C 161 -9.40 1.35 5.47
CA VAL C 161 -9.63 0.09 4.78
C VAL C 161 -10.30 0.38 3.42
N LYS C 162 -10.04 -0.46 2.42
CA LYS C 162 -10.61 -0.29 1.09
C LYS C 162 -11.39 -1.57 0.76
N VAL C 163 -12.59 -1.41 0.21
CA VAL C 163 -13.44 -2.55 -0.11
C VAL C 163 -13.97 -2.53 -1.53
N THR C 164 -14.01 -3.70 -2.15
CA THR C 164 -14.52 -3.85 -3.51
C THR C 164 -15.47 -5.04 -3.58
N VAL C 165 -16.71 -4.73 -3.93
CA VAL C 165 -17.78 -5.71 -4.06
C VAL C 165 -18.16 -5.89 -5.54
N ILE C 166 -18.64 -7.08 -5.87
CA ILE C 166 -19.07 -7.39 -7.23
C ILE C 166 -20.25 -8.35 -7.14
N TYR C 167 -21.34 -8.03 -7.84
CA TYR C 167 -22.49 -8.93 -7.83
C TYR C 167 -22.70 -9.30 -9.29
N ASP C 168 -22.54 -10.58 -9.62
CA ASP C 168 -22.72 -11.01 -10.99
C ASP C 168 -24.11 -11.62 -11.06
N SER C 169 -24.98 -10.99 -11.84
CA SER C 169 -26.35 -11.46 -12.01
C SER C 169 -26.38 -12.92 -12.44
N SER C 170 -25.73 -13.21 -13.55
CA SER C 170 -25.67 -14.56 -14.11
C SER C 170 -25.52 -15.67 -13.07
N THR C 171 -24.66 -15.45 -12.08
CA THR C 171 -24.43 -16.46 -11.05
C THR C 171 -24.98 -16.04 -9.70
N LYS C 172 -25.53 -14.84 -9.63
CA LYS C 172 -26.09 -14.33 -8.37
C LYS C 172 -25.02 -14.46 -7.29
N THR C 173 -23.74 -14.44 -7.69
CA THR C 173 -22.63 -14.54 -6.75
C THR C 173 -22.15 -13.18 -6.26
N LEU C 174 -22.24 -12.95 -4.96
CA LEU C 174 -21.79 -11.71 -4.37
C LEU C 174 -20.39 -11.96 -3.84
N SER C 175 -19.42 -11.25 -4.38
CA SER C 175 -18.03 -11.43 -3.94
C SER C 175 -17.43 -10.15 -3.38
N VAL C 176 -16.72 -10.31 -2.27
CA VAL C 176 -16.10 -9.20 -1.59
C VAL C 176 -14.58 -9.31 -1.53
N ALA C 177 -13.93 -8.15 -1.64
CA ALA C 177 -12.48 -8.03 -1.57
C ALA C 177 -12.19 -6.86 -0.62
N VAL C 178 -11.42 -7.13 0.43
CA VAL C 178 -11.06 -6.12 1.42
C VAL C 178 -9.56 -5.95 1.51
N THR C 179 -9.08 -4.74 1.23
CA THR C 179 -7.64 -4.46 1.27
C THR C 179 -7.26 -3.86 2.62
N ASN C 180 -6.73 -4.70 3.48
CA ASN C 180 -6.31 -4.28 4.80
C ASN C 180 -5.16 -3.27 4.74
N ASP C 181 -4.86 -2.68 5.88
CA ASP C 181 -3.80 -1.69 5.96
C ASP C 181 -2.41 -2.25 5.62
N ASN C 182 -2.06 -3.43 6.14
CA ASN C 182 -0.74 -4.03 5.88
C ASN C 182 -0.55 -4.51 4.44
N GLY C 183 -1.52 -4.21 3.59
CA GLY C 183 -1.46 -4.63 2.21
C GLY C 183 -2.25 -5.91 1.96
N ASP C 184 -2.36 -6.76 2.98
CA ASP C 184 -3.08 -8.04 2.88
C ASP C 184 -4.54 -7.95 2.48
N ILE C 185 -4.97 -8.86 1.61
CA ILE C 185 -6.37 -8.86 1.18
C ILE C 185 -7.17 -10.01 1.80
N THR C 186 -8.44 -9.72 2.06
CA THR C 186 -9.39 -10.64 2.66
C THR C 186 -10.57 -10.73 1.71
N THR C 187 -10.99 -11.95 1.37
CA THR C 187 -12.11 -12.11 0.45
C THR C 187 -13.19 -13.02 1.05
N ILE C 188 -14.38 -12.97 0.48
CA ILE C 188 -15.49 -13.79 0.94
C ILE C 188 -16.55 -13.72 -0.15
N ALA C 189 -17.17 -14.85 -0.46
CA ALA C 189 -18.18 -14.89 -1.51
C ALA C 189 -19.37 -15.73 -1.09
N GLN C 190 -20.54 -15.40 -1.64
CA GLN C 190 -21.77 -16.13 -1.33
C GLN C 190 -22.75 -15.97 -2.47
N VAL C 191 -23.57 -16.99 -2.71
CA VAL C 191 -24.56 -16.90 -3.75
C VAL C 191 -25.85 -16.39 -3.11
N VAL C 192 -26.28 -15.20 -3.52
CA VAL C 192 -27.51 -14.64 -2.99
C VAL C 192 -28.46 -14.30 -4.12
N ASP C 193 -29.71 -14.76 -4.00
CA ASP C 193 -30.71 -14.48 -5.02
C ASP C 193 -31.45 -13.23 -4.59
N LEU C 194 -31.04 -12.11 -5.18
CA LEU C 194 -31.62 -10.82 -4.87
C LEU C 194 -33.12 -10.71 -5.17
N LYS C 195 -33.53 -11.21 -6.34
CA LYS C 195 -34.93 -11.19 -6.74
C LYS C 195 -35.74 -11.89 -5.67
N ALA C 196 -35.19 -13.01 -5.20
CA ALA C 196 -35.78 -13.87 -4.18
C ALA C 196 -35.85 -13.30 -2.76
N LYS C 197 -34.93 -12.40 -2.42
CA LYS C 197 -34.90 -11.84 -1.07
C LYS C 197 -35.27 -10.36 -0.96
N LEU C 198 -35.43 -9.66 -2.07
CA LEU C 198 -35.75 -8.23 -2.02
C LEU C 198 -36.76 -7.81 -3.10
N PRO C 199 -37.29 -6.58 -2.99
CA PRO C 199 -38.25 -6.08 -3.97
C PRO C 199 -37.51 -5.61 -5.23
N GLU C 200 -38.25 -5.19 -6.24
CA GLU C 200 -37.62 -4.72 -7.48
C GLU C 200 -36.88 -3.41 -7.26
N ARG C 201 -37.46 -2.58 -6.41
CA ARG C 201 -36.87 -1.28 -6.10
C ARG C 201 -36.32 -1.33 -4.68
N VAL C 202 -35.02 -1.09 -4.53
CA VAL C 202 -34.34 -1.13 -3.22
C VAL C 202 -33.53 0.14 -2.96
N LYS C 203 -32.70 0.08 -1.93
CA LYS C 203 -31.81 1.19 -1.60
C LYS C 203 -30.53 0.59 -0.98
N PHE C 204 -29.39 1.21 -1.27
CA PHE C 204 -28.10 0.77 -0.71
C PHE C 204 -27.67 1.79 0.34
N GLY C 205 -26.76 1.39 1.23
CA GLY C 205 -26.32 2.35 2.23
C GLY C 205 -25.42 1.73 3.27
N PHE C 206 -25.00 2.54 4.23
CA PHE C 206 -24.14 2.09 5.30
C PHE C 206 -24.79 2.36 6.65
N SER C 207 -24.57 1.46 7.59
CA SER C 207 -25.12 1.58 8.93
C SER C 207 -24.05 1.18 9.95
N ALA C 208 -24.15 1.70 11.17
CA ALA C 208 -23.21 1.39 12.24
C ALA C 208 -23.88 1.66 13.59
N SER C 209 -23.50 0.88 14.60
CA SER C 209 -24.11 1.02 15.91
C SER C 209 -23.16 0.78 17.07
N GLY C 210 -23.73 0.81 18.27
CA GLY C 210 -22.95 0.60 19.47
C GLY C 210 -23.85 0.54 20.70
N SER C 211 -23.29 0.11 21.82
CA SER C 211 -24.04 0.01 23.05
C SER C 211 -23.67 1.14 24.02
N LEU C 212 -23.88 0.88 25.31
CA LEU C 212 -23.56 1.85 26.34
C LEU C 212 -22.08 1.76 26.69
N GLY C 213 -21.56 0.54 26.75
CA GLY C 213 -20.17 0.35 27.06
C GLY C 213 -19.38 0.17 25.77
N GLY C 214 -20.09 -0.21 24.71
CA GLY C 214 -19.46 -0.43 23.42
C GLY C 214 -19.61 0.73 22.44
N ARG C 215 -18.50 1.38 22.13
CA ARG C 215 -18.51 2.50 21.19
C ARG C 215 -17.14 2.67 20.53
N GLN C 216 -17.13 3.28 19.36
CA GLN C 216 -15.90 3.53 18.61
C GLN C 216 -16.26 4.35 17.39
N ILE C 217 -15.25 5.00 16.81
CA ILE C 217 -15.42 5.84 15.65
C ILE C 217 -15.69 5.08 14.35
N HIS C 218 -16.85 5.35 13.73
CA HIS C 218 -17.23 4.73 12.47
C HIS C 218 -17.25 5.79 11.36
N LEU C 219 -16.30 5.73 10.43
CA LEU C 219 -16.26 6.71 9.35
C LEU C 219 -16.23 6.13 7.92
N ILE C 220 -17.07 6.70 7.04
CA ILE C 220 -17.13 6.31 5.63
C ILE C 220 -16.43 7.43 4.88
N ARG C 221 -15.36 7.08 4.16
CA ARG C 221 -14.57 8.09 3.46
C ARG C 221 -14.99 8.36 2.03
N SER C 222 -15.23 7.29 1.27
CA SER C 222 -15.62 7.44 -0.12
C SER C 222 -16.49 6.29 -0.57
N TRP C 223 -17.26 6.53 -1.63
CA TRP C 223 -18.13 5.49 -2.15
C TRP C 223 -18.56 5.74 -3.59
N SER C 224 -18.31 4.74 -4.44
CA SER C 224 -18.67 4.79 -5.86
C SER C 224 -19.50 3.54 -6.17
N PHE C 225 -20.51 3.71 -7.01
CA PHE C 225 -21.40 2.62 -7.35
C PHE C 225 -21.80 2.66 -8.84
N THR C 226 -22.14 1.49 -9.37
CA THR C 226 -22.56 1.36 -10.75
C THR C 226 -23.33 0.07 -10.93
N SER C 227 -24.64 0.19 -11.16
CA SER C 227 -25.46 -0.98 -11.37
C SER C 227 -25.92 -0.94 -12.82
N THR C 228 -26.15 -2.11 -13.39
CA THR C 228 -26.58 -2.18 -14.78
C THR C 228 -27.56 -3.31 -15.02
N LEU C 229 -28.76 -2.91 -15.43
CA LEU C 229 -29.85 -3.83 -15.68
C LEU C 229 -30.16 -3.97 -17.17
N ILE C 230 -30.03 -5.19 -17.67
CA ILE C 230 -30.32 -5.47 -19.06
C ILE C 230 -31.83 -5.47 -19.26
N THR C 231 -32.29 -4.73 -20.26
CA THR C 231 -33.70 -4.61 -20.57
C THR C 231 -34.06 -5.32 -21.88
N THR C 232 -33.73 -6.60 -21.98
CA THR C 232 -34.02 -7.36 -23.18
C THR C 232 -33.81 -8.86 -22.99
N ALA D 1 23.03 8.49 27.66
CA ALA D 1 22.47 9.47 26.69
C ALA D 1 21.10 9.97 27.15
N GLU D 2 20.67 11.09 26.61
CA GLU D 2 19.38 11.71 26.95
C GLU D 2 18.38 11.52 25.79
N THR D 3 17.38 10.67 25.95
CA THR D 3 16.43 10.44 24.88
C THR D 3 15.03 10.96 25.15
N VAL D 4 14.41 11.55 24.14
CA VAL D 4 13.04 12.04 24.26
C VAL D 4 12.19 11.28 23.23
N SER D 5 11.06 10.74 23.66
CA SER D 5 10.21 9.99 22.74
C SER D 5 8.73 10.00 23.14
N PHE D 6 7.87 10.05 22.13
CA PHE D 6 6.43 10.03 22.35
C PHE D 6 5.75 9.38 21.16
N ASN D 7 4.44 9.21 21.24
CA ASN D 7 3.70 8.60 20.14
C ASN D 7 2.23 8.90 20.27
N PHE D 8 1.64 9.46 19.22
CA PHE D 8 0.22 9.78 19.22
C PHE D 8 -0.51 9.04 18.08
N ASN D 9 -1.64 8.42 18.41
CA ASN D 9 -2.42 7.71 17.41
C ASN D 9 -3.71 8.48 17.22
N SER D 10 -3.89 9.49 18.06
CA SER D 10 -5.05 10.38 18.01
C SER D 10 -4.83 11.43 19.10
N PHE D 11 -5.26 12.66 18.84
CA PHE D 11 -5.07 13.71 19.82
C PHE D 11 -6.39 14.12 20.46
N SER D 12 -6.30 14.92 21.51
CA SER D 12 -7.46 15.42 22.22
C SER D 12 -7.15 16.83 22.68
N GLU D 13 -8.18 17.65 22.81
CA GLU D 13 -8.03 19.05 23.22
C GLU D 13 -7.46 19.22 24.62
N GLY D 14 -7.95 18.41 25.56
CA GLY D 14 -7.47 18.51 26.93
C GLY D 14 -6.21 17.73 27.24
N ASN D 15 -5.20 17.87 26.37
CA ASN D 15 -3.95 17.18 26.55
C ASN D 15 -2.81 18.20 26.64
N PRO D 16 -2.34 18.46 27.87
CA PRO D 16 -1.25 19.42 28.19
C PRO D 16 0.08 19.14 27.53
N ALA D 17 0.17 18.01 26.83
CA ALA D 17 1.41 17.63 26.15
C ALA D 17 1.50 18.24 24.76
N ILE D 18 0.40 18.85 24.33
CA ILE D 18 0.29 19.43 23.02
C ILE D 18 -0.15 20.89 23.07
N ASN D 19 0.61 21.78 22.43
CA ASN D 19 0.28 23.20 22.40
C ASN D 19 -0.46 23.56 21.11
N PHE D 20 -1.68 24.08 21.24
CA PHE D 20 -2.51 24.46 20.10
C PHE D 20 -2.49 25.98 19.80
N GLN D 21 -1.68 26.41 18.84
CA GLN D 21 -1.61 27.82 18.46
C GLN D 21 -2.39 28.08 17.17
N GLY D 22 -3.28 29.06 17.19
CA GLY D 22 -4.02 29.37 15.97
C GLY D 22 -5.35 28.64 15.76
N ASP D 23 -5.90 28.78 14.55
CA ASP D 23 -7.18 28.16 14.19
C ASP D 23 -7.26 26.65 14.35
N VAL D 24 -6.36 26.08 15.14
CA VAL D 24 -6.32 24.64 15.36
C VAL D 24 -7.61 24.10 15.94
N THR D 25 -7.90 22.83 15.66
CA THR D 25 -9.10 22.18 16.16
C THR D 25 -8.97 20.65 16.07
N VAL D 26 -9.49 19.92 17.05
CA VAL D 26 -9.40 18.46 17.07
C VAL D 26 -10.73 17.78 16.79
N LEU D 27 -10.83 17.14 15.63
CA LEU D 27 -12.06 16.45 15.22
C LEU D 27 -12.42 15.29 16.13
N SER D 28 -13.66 14.82 15.99
CA SER D 28 -14.18 13.71 16.79
C SER D 28 -13.45 12.39 16.61
N ASN D 29 -12.71 12.25 15.51
CA ASN D 29 -11.98 11.03 15.21
C ASN D 29 -10.51 11.13 15.64
N GLY D 30 -10.18 12.06 16.52
CA GLY D 30 -8.81 12.18 17.00
C GLY D 30 -7.81 12.90 16.10
N ASN D 31 -8.22 13.31 14.91
CA ASN D 31 -7.31 14.02 13.99
C ASN D 31 -7.27 15.49 14.37
N ILE D 32 -6.18 16.15 14.01
CA ILE D 32 -6.03 17.58 14.27
C ILE D 32 -6.26 18.30 12.95
N GLN D 33 -7.07 19.36 12.97
CA GLN D 33 -7.33 20.15 11.78
C GLN D 33 -6.71 21.52 12.03
N LEU D 34 -5.55 21.74 11.43
CA LEU D 34 -4.79 22.98 11.58
C LEU D 34 -5.45 24.30 11.18
N THR D 35 -6.24 24.33 10.11
CA THR D 35 -6.86 25.58 9.71
C THR D 35 -8.37 25.56 9.78
N ASN D 36 -8.94 26.77 9.74
CA ASN D 36 -10.37 26.97 9.76
C ASN D 36 -10.79 27.29 8.33
N LEU D 37 -11.72 26.52 7.79
CA LEU D 37 -12.19 26.72 6.42
C LEU D 37 -13.01 28.00 6.21
N ASN D 38 -13.43 28.62 7.32
CA ASN D 38 -14.25 29.83 7.25
C ASN D 38 -13.55 31.16 7.50
N LYS D 39 -12.37 31.14 8.11
CA LYS D 39 -11.64 32.38 8.34
C LYS D 39 -10.90 32.75 7.06
N VAL D 40 -10.45 33.98 6.96
CA VAL D 40 -9.75 34.42 5.76
C VAL D 40 -8.30 33.99 5.73
N ASN D 41 -7.49 34.51 6.64
CA ASN D 41 -6.10 34.11 6.62
C ASN D 41 -5.81 33.16 7.77
N SER D 42 -6.60 32.09 7.79
CA SER D 42 -6.50 31.04 8.82
C SER D 42 -5.11 30.43 8.92
N VAL D 43 -4.63 30.39 10.15
CA VAL D 43 -3.32 29.82 10.44
C VAL D 43 -3.48 28.98 11.70
N GLY D 44 -2.95 27.76 11.62
CA GLY D 44 -3.02 26.84 12.75
C GLY D 44 -1.65 26.25 12.98
N ARG D 45 -1.37 25.85 14.23
CA ARG D 45 -0.09 25.26 14.54
C ARG D 45 -0.29 24.38 15.75
N VAL D 46 0.55 23.37 15.90
CA VAL D 46 0.44 22.49 17.05
C VAL D 46 1.87 22.10 17.39
N LEU D 47 2.26 22.36 18.63
CA LEU D 47 3.62 22.05 19.09
C LEU D 47 3.62 21.02 20.21
N TYR D 48 4.70 20.27 20.32
CA TYR D 48 4.79 19.31 21.41
C TYR D 48 5.10 20.19 22.61
N ALA D 49 4.25 20.11 23.63
CA ALA D 49 4.40 20.90 24.83
C ALA D 49 5.83 21.04 25.34
N MET D 50 6.41 19.95 25.79
CA MET D 50 7.78 20.00 26.30
C MET D 50 8.89 20.28 25.29
N PRO D 51 9.87 21.11 25.68
CA PRO D 51 11.03 21.51 24.86
C PRO D 51 12.03 20.35 24.77
N VAL D 52 12.76 20.29 23.67
CA VAL D 52 13.72 19.21 23.45
C VAL D 52 15.11 19.78 23.27
N ARG D 53 16.06 19.22 24.00
CA ARG D 53 17.44 19.67 23.92
C ARG D 53 18.15 18.98 22.76
N ILE D 54 18.22 19.66 21.61
CA ILE D 54 18.85 19.11 20.41
C ILE D 54 20.37 19.16 20.36
N TRP D 55 20.98 20.04 21.15
CA TRP D 55 22.45 20.13 21.19
C TRP D 55 23.02 20.62 22.52
N SER D 56 24.09 19.96 22.95
CA SER D 56 24.76 20.27 24.22
C SER D 56 25.80 21.39 24.12
N SER D 57 25.74 22.31 25.07
CA SER D 57 26.68 23.44 25.13
C SER D 57 28.07 22.92 25.52
N ALA D 58 28.11 22.12 26.58
CA ALA D 58 29.35 21.51 27.10
C ALA D 58 30.10 20.73 26.03
N THR D 59 29.37 19.86 25.34
CA THR D 59 29.91 19.02 24.30
C THR D 59 29.33 19.49 22.98
N GLY D 60 30.18 19.74 21.99
CA GLY D 60 29.70 20.19 20.70
C GLY D 60 28.83 19.15 20.03
N ASN D 61 28.07 18.42 20.85
CA ASN D 61 27.18 17.35 20.40
C ASN D 61 25.79 17.83 20.01
N VAL D 62 25.20 17.13 19.05
CA VAL D 62 23.85 17.42 18.56
C VAL D 62 23.12 16.09 18.54
N ALA D 63 21.80 16.12 18.66
CA ALA D 63 21.03 14.90 18.69
C ALA D 63 20.64 14.32 17.34
N SER D 64 20.36 13.03 17.35
CA SER D 64 19.90 12.35 16.16
C SER D 64 18.45 12.15 16.53
N PHE D 65 17.58 12.15 15.52
CA PHE D 65 16.17 11.91 15.80
C PHE D 65 15.46 11.25 14.64
N LEU D 66 14.53 10.39 15.01
CA LEU D 66 13.74 9.64 14.07
C LEU D 66 12.29 9.99 14.37
N THR D 67 11.51 10.29 13.34
CA THR D 67 10.14 10.65 13.57
C THR D 67 9.35 10.30 12.31
N SER D 68 8.08 9.95 12.48
CA SER D 68 7.29 9.63 11.32
C SER D 68 5.84 10.01 11.63
N PHE D 69 5.16 10.57 10.63
CA PHE D 69 3.79 11.04 10.81
C PHE D 69 2.98 10.91 9.53
N SER D 70 1.66 10.97 9.66
CA SER D 70 0.80 10.86 8.48
C SER D 70 -0.24 11.97 8.48
N PHE D 71 -0.48 12.54 7.30
CA PHE D 71 -1.47 13.60 7.17
C PHE D 71 -2.41 13.39 6.00
N GLU D 72 -3.39 14.28 5.89
CA GLU D 72 -4.35 14.24 4.82
C GLU D 72 -4.76 15.66 4.45
N MET D 73 -4.65 15.99 3.17
CA MET D 73 -5.08 17.31 2.71
C MET D 73 -6.23 16.99 1.75
N LYS D 74 -7.28 17.80 1.78
CA LYS D 74 -8.44 17.58 0.91
C LYS D 74 -8.91 18.88 0.29
N ASP D 75 -9.53 18.81 -0.87
CA ASP D 75 -10.00 20.03 -1.52
C ASP D 75 -11.39 20.35 -1.00
N ILE D 76 -11.65 21.62 -0.75
CA ILE D 76 -12.98 22.05 -0.32
C ILE D 76 -13.54 22.82 -1.52
N LYS D 77 -14.82 22.62 -1.85
CA LYS D 77 -15.41 23.28 -3.01
C LYS D 77 -15.30 24.81 -2.99
N ASP D 78 -15.13 25.37 -4.20
CA ASP D 78 -15.03 26.83 -4.42
C ASP D 78 -13.81 27.53 -3.83
N TYR D 79 -12.77 26.77 -3.47
CA TYR D 79 -11.57 27.38 -2.91
C TYR D 79 -10.33 26.66 -3.43
N ASP D 80 -9.28 27.43 -3.73
CA ASP D 80 -8.02 26.87 -4.22
C ASP D 80 -7.36 25.99 -3.16
N PRO D 81 -6.97 24.76 -3.52
CA PRO D 81 -6.32 23.89 -2.53
C PRO D 81 -4.98 24.47 -2.12
N ALA D 82 -4.95 25.15 -0.97
CA ALA D 82 -3.73 25.76 -0.46
C ALA D 82 -3.84 25.93 1.05
N ASP D 83 -2.73 26.22 1.73
CA ASP D 83 -1.41 26.39 1.13
C ASP D 83 -0.45 25.24 1.36
N GLY D 84 -0.77 24.38 2.30
CA GLY D 84 0.10 23.26 2.59
C GLY D 84 0.39 23.08 4.06
N ILE D 85 1.27 22.13 4.35
CA ILE D 85 1.65 21.83 5.72
C ILE D 85 3.17 21.82 5.85
N ILE D 86 3.65 22.09 7.06
CA ILE D 86 5.08 22.10 7.31
C ILE D 86 5.39 21.52 8.69
N PHE D 87 6.42 20.69 8.72
CA PHE D 87 6.87 20.05 9.93
C PHE D 87 8.04 20.94 10.30
N PHE D 88 7.90 21.66 11.42
CA PHE D 88 8.98 22.56 11.82
C PHE D 88 9.62 22.32 13.20
N ILE D 89 10.78 22.95 13.34
CA ILE D 89 11.58 22.92 14.55
C ILE D 89 11.81 24.41 14.82
N ALA D 90 11.43 24.87 16.01
CA ALA D 90 11.56 26.28 16.37
C ALA D 90 11.93 26.52 17.84
N PRO D 91 12.51 27.69 18.16
CA PRO D 91 12.89 28.01 19.55
C PRO D 91 11.67 27.85 20.47
N GLU D 92 11.89 27.35 21.67
CA GLU D 92 10.81 27.06 22.63
C GLU D 92 9.76 28.13 22.94
N ASP D 93 10.03 29.38 22.58
CA ASP D 93 9.05 30.45 22.82
C ASP D 93 8.42 30.91 21.51
N THR D 94 8.41 30.02 20.52
CA THR D 94 7.87 30.32 19.20
C THR D 94 6.35 30.56 19.18
N GLN D 95 5.94 31.54 18.40
CA GLN D 95 4.54 31.92 18.28
C GLN D 95 4.19 32.21 16.83
N ILE D 96 2.92 32.49 16.55
CA ILE D 96 2.51 32.82 15.17
C ILE D 96 2.94 34.27 14.89
N PRO D 97 3.76 34.47 13.85
CA PRO D 97 4.27 35.80 13.47
C PRO D 97 3.23 36.91 13.59
N ALA D 98 3.60 37.98 14.28
CA ALA D 98 2.72 39.12 14.46
C ALA D 98 2.04 39.47 13.14
N GLY D 99 0.71 39.53 13.16
CA GLY D 99 -0.06 39.85 11.98
C GLY D 99 0.31 38.99 10.78
N SER D 100 0.24 37.67 10.94
CA SER D 100 0.58 36.76 9.84
C SER D 100 -0.49 36.77 8.77
N ILE D 101 -0.06 36.82 7.53
CA ILE D 101 -0.97 36.84 6.38
C ILE D 101 -1.39 35.42 6.02
N GLY D 102 -0.85 34.44 6.74
CA GLY D 102 -1.17 33.05 6.44
C GLY D 102 -0.59 32.69 5.10
N GLY D 103 -1.43 32.10 4.24
CA GLY D 103 -1.02 31.72 2.89
C GLY D 103 0.38 31.20 2.62
N GLY D 104 1.05 31.82 1.66
CA GLY D 104 2.40 31.41 1.30
C GLY D 104 3.36 31.30 2.48
N THR D 105 3.05 31.99 3.58
CA THR D 105 3.91 31.97 4.78
C THR D 105 3.79 30.69 5.61
N LEU D 106 2.78 29.87 5.32
CA LEU D 106 2.56 28.62 6.04
C LEU D 106 2.55 28.81 7.55
N GLY D 107 2.32 30.05 8.00
CA GLY D 107 2.27 30.34 9.42
C GLY D 107 3.54 30.29 10.25
N VAL D 108 4.70 30.37 9.61
CA VAL D 108 5.96 30.35 10.35
C VAL D 108 6.90 31.40 9.80
N SER D 109 6.36 32.34 9.04
CA SER D 109 7.18 33.40 8.47
C SER D 109 6.40 34.68 8.30
N ASP D 110 7.17 35.78 8.23
CA ASP D 110 6.61 37.11 8.03
C ASP D 110 6.31 37.23 6.56
N THR D 111 5.91 38.43 6.12
CA THR D 111 5.59 38.65 4.72
C THR D 111 6.72 38.35 3.72
N LYS D 112 7.97 38.57 4.11
CA LYS D 112 9.10 38.32 3.21
C LYS D 112 9.41 36.82 3.18
N GLY D 113 8.69 36.06 3.98
CA GLY D 113 8.91 34.63 4.03
C GLY D 113 10.10 34.24 4.89
N ALA D 114 10.42 35.09 5.87
CA ALA D 114 11.54 34.81 6.76
C ALA D 114 11.06 34.58 8.19
N GLY D 115 11.90 33.91 8.97
CA GLY D 115 11.58 33.63 10.35
C GLY D 115 12.70 32.80 10.95
N HIS D 116 12.50 32.30 12.17
CA HIS D 116 13.53 31.49 12.82
C HIS D 116 13.03 30.02 12.94
N PHE D 117 13.48 29.15 12.02
CA PHE D 117 13.05 27.74 12.04
C PHE D 117 13.71 26.86 10.97
N VAL D 118 13.61 25.55 11.20
CA VAL D 118 14.13 24.55 10.29
C VAL D 118 12.90 23.66 10.04
N GLY D 119 12.46 23.53 8.79
CA GLY D 119 11.28 22.71 8.51
C GLY D 119 11.26 21.89 7.22
N VAL D 120 10.23 21.06 7.09
CA VAL D 120 10.03 20.20 5.91
C VAL D 120 8.62 20.49 5.39
N GLU D 121 8.53 21.33 4.37
CA GLU D 121 7.23 21.69 3.83
C GLU D 121 6.65 20.79 2.73
N PHE D 122 5.34 20.58 2.81
CA PHE D 122 4.59 19.80 1.84
C PHE D 122 3.70 20.87 1.23
N ASP D 123 4.31 21.62 0.32
CA ASP D 123 3.74 22.76 -0.39
C ASP D 123 2.70 22.42 -1.47
N THR D 124 1.56 23.12 -1.47
CA THR D 124 0.56 22.82 -2.48
C THR D 124 0.17 24.01 -3.35
N TYR D 125 0.87 25.14 -3.16
CA TYR D 125 0.61 26.33 -3.97
C TYR D 125 1.89 27.07 -4.31
N SER D 126 2.09 27.28 -5.61
CA SER D 126 3.28 27.95 -6.10
C SER D 126 3.17 29.44 -5.89
N ASN D 127 4.04 29.96 -5.04
CA ASN D 127 4.08 31.37 -4.77
C ASN D 127 5.39 31.87 -5.35
N SER D 128 5.29 32.81 -6.29
CA SER D 128 6.47 33.38 -6.92
C SER D 128 7.30 34.29 -5.98
N GLU D 129 6.65 34.85 -4.97
CA GLU D 129 7.33 35.73 -4.02
C GLU D 129 8.30 34.97 -3.11
N TYR D 130 8.23 33.64 -3.17
CA TYR D 130 9.10 32.80 -2.36
C TYR D 130 9.91 31.82 -3.24
N ASN D 131 9.91 32.09 -4.54
CA ASN D 131 10.63 31.29 -5.51
C ASN D 131 10.19 29.84 -5.58
N ASP D 132 8.89 29.63 -5.34
CA ASP D 132 8.32 28.28 -5.39
C ASP D 132 8.48 27.60 -6.73
N PRO D 133 8.63 26.27 -6.72
CA PRO D 133 8.75 25.57 -8.00
C PRO D 133 7.32 25.64 -8.58
N PRO D 134 7.14 25.36 -9.87
CA PRO D 134 5.82 25.42 -10.51
C PRO D 134 4.79 24.34 -10.16
N THR D 135 5.23 23.33 -9.42
CA THR D 135 4.34 22.23 -9.06
C THR D 135 4.38 21.91 -7.59
N ASP D 136 3.47 21.04 -7.15
CA ASP D 136 3.45 20.65 -5.75
C ASP D 136 4.84 20.11 -5.43
N HIS D 137 5.36 20.47 -4.26
CA HIS D 137 6.69 20.02 -3.89
C HIS D 137 6.86 19.83 -2.38
N VAL D 138 7.97 19.18 -2.05
CA VAL D 138 8.35 18.93 -0.67
C VAL D 138 9.64 19.71 -0.58
N GLY D 139 9.80 20.51 0.45
CA GLY D 139 11.03 21.26 0.55
C GLY D 139 11.67 21.29 1.93
N ILE D 140 12.94 21.69 1.96
CA ILE D 140 13.64 21.81 3.21
C ILE D 140 13.92 23.29 3.40
N ASP D 141 13.41 23.84 4.50
CA ASP D 141 13.54 25.25 4.79
C ASP D 141 14.50 25.55 5.95
N VAL D 142 15.27 26.63 5.79
CA VAL D 142 16.20 27.05 6.83
C VAL D 142 16.01 28.54 7.06
N ASN D 143 15.10 28.86 7.97
CA ASN D 143 14.76 30.24 8.33
C ASN D 143 14.20 31.01 7.15
N SER D 144 13.45 30.31 6.31
CA SER D 144 12.87 30.94 5.13
C SER D 144 12.05 29.95 4.31
N VAL D 145 10.86 30.37 3.90
CA VAL D 145 10.01 29.51 3.10
C VAL D 145 10.51 29.44 1.64
N ASP D 146 11.66 30.07 1.41
CA ASP D 146 12.29 30.04 0.09
C ASP D 146 13.25 28.86 0.24
N SER D 147 12.72 27.65 0.05
CA SER D 147 13.46 26.41 0.20
C SER D 147 14.92 26.38 -0.25
N VAL D 148 15.74 25.72 0.56
CA VAL D 148 17.16 25.56 0.30
C VAL D 148 17.30 24.42 -0.68
N LYS D 149 16.19 23.69 -0.84
CA LYS D 149 16.14 22.57 -1.76
C LYS D 149 14.71 22.07 -1.81
N THR D 150 14.29 21.60 -2.98
CA THR D 150 12.93 21.07 -3.12
C THR D 150 12.93 19.94 -4.11
N VAL D 151 11.86 19.15 -4.07
CA VAL D 151 11.70 18.04 -4.98
C VAL D 151 10.26 17.99 -5.42
N PRO D 152 10.02 17.79 -6.71
CA PRO D 152 8.65 17.72 -7.20
C PRO D 152 7.88 16.63 -6.49
N TRP D 153 6.59 16.88 -6.28
CA TRP D 153 5.74 15.95 -5.56
C TRP D 153 4.29 16.21 -6.00
N ASN D 154 3.37 15.32 -5.63
CA ASN D 154 1.97 15.50 -6.00
C ASN D 154 1.04 15.21 -4.82
N SER D 155 0.28 16.24 -4.43
CA SER D 155 -0.66 16.13 -3.32
C SER D 155 -2.01 15.62 -3.87
N VAL D 156 -2.51 14.52 -3.30
CA VAL D 156 -3.77 13.95 -3.73
C VAL D 156 -4.87 14.23 -2.69
N SER D 157 -5.93 14.91 -3.12
CA SER D 157 -7.03 15.24 -2.23
C SER D 157 -7.69 14.03 -1.56
N GLY D 158 -7.68 14.01 -0.23
CA GLY D 158 -8.30 12.92 0.49
C GLY D 158 -7.43 11.69 0.72
N ALA D 159 -6.20 11.71 0.24
CA ALA D 159 -5.32 10.58 0.40
C ALA D 159 -4.41 10.70 1.62
N VAL D 160 -4.19 9.58 2.31
CA VAL D 160 -3.34 9.55 3.48
C VAL D 160 -1.88 9.44 3.07
N VAL D 161 -1.08 10.38 3.53
CA VAL D 161 0.32 10.37 3.21
C VAL D 161 1.12 9.95 4.44
N LYS D 162 2.14 9.11 4.26
CA LYS D 162 2.96 8.70 5.39
C LYS D 162 4.35 9.32 5.23
N VAL D 163 4.89 9.91 6.29
CA VAL D 163 6.21 10.54 6.23
C VAL D 163 7.17 9.98 7.26
N THR D 164 8.45 9.89 6.90
CA THR D 164 9.46 9.38 7.82
C THR D 164 10.71 10.22 7.66
N VAL D 165 11.12 10.85 8.76
CA VAL D 165 12.30 11.71 8.77
C VAL D 165 13.42 11.16 9.66
N ILE D 166 14.66 11.33 9.20
CA ILE D 166 15.87 10.88 9.91
C ILE D 166 16.95 11.96 9.91
N TYR D 167 17.44 12.35 11.09
CA TYR D 167 18.50 13.36 11.17
C TYR D 167 19.73 12.73 11.83
N ASP D 168 20.80 12.58 11.06
CA ASP D 168 22.03 11.99 11.58
C ASP D 168 22.91 13.10 12.14
N SER D 169 23.26 12.99 13.42
CA SER D 169 24.11 14.00 14.04
C SER D 169 25.50 14.04 13.40
N SER D 170 26.13 12.87 13.27
CA SER D 170 27.46 12.72 12.70
C SER D 170 27.60 13.43 11.34
N THR D 171 26.57 13.36 10.52
CA THR D 171 26.61 14.01 9.21
C THR D 171 25.74 15.27 9.17
N LYS D 172 24.99 15.52 10.24
CA LYS D 172 24.09 16.68 10.30
C LYS D 172 23.20 16.61 9.04
N THR D 173 22.90 15.38 8.62
CA THR D 173 22.10 15.08 7.45
C THR D 173 20.63 14.86 7.77
N LEU D 174 19.77 15.59 7.07
CA LEU D 174 18.33 15.46 7.27
C LEU D 174 17.74 14.78 6.04
N SER D 175 17.17 13.58 6.20
CA SER D 175 16.59 12.88 5.05
C SER D 175 15.14 12.53 5.28
N VAL D 176 14.33 12.77 4.26
CA VAL D 176 12.91 12.51 4.35
C VAL D 176 12.47 11.46 3.33
N ALA D 177 11.38 10.77 3.64
CA ALA D 177 10.80 9.79 2.76
C ALA D 177 9.30 9.97 2.88
N VAL D 178 8.66 10.26 1.75
CA VAL D 178 7.23 10.46 1.71
C VAL D 178 6.60 9.29 0.98
N THR D 179 5.60 8.66 1.61
CA THR D 179 4.94 7.51 1.00
C THR D 179 3.56 7.92 0.53
N ASN D 180 3.46 8.21 -0.77
CA ASN D 180 2.19 8.62 -1.34
C ASN D 180 1.18 7.48 -1.29
N ASP D 181 -0.09 7.84 -1.41
CA ASP D 181 -1.20 6.88 -1.42
C ASP D 181 -0.89 5.87 -2.53
N ASN D 182 -0.27 6.37 -3.59
CA ASN D 182 0.13 5.61 -4.77
C ASN D 182 0.96 4.35 -4.50
N GLY D 183 1.81 4.42 -3.48
CA GLY D 183 2.69 3.31 -3.15
C GLY D 183 4.09 3.83 -3.45
N ASP D 184 4.14 4.84 -4.33
CA ASP D 184 5.40 5.48 -4.74
C ASP D 184 5.99 6.32 -3.60
N ILE D 185 7.31 6.36 -3.53
CA ILE D 185 7.97 7.17 -2.51
C ILE D 185 8.84 8.27 -3.12
N THR D 186 8.75 9.44 -2.50
CA THR D 186 9.51 10.61 -2.90
C THR D 186 10.55 10.86 -1.81
N THR D 187 11.77 11.23 -2.17
CA THR D 187 12.74 11.51 -1.13
C THR D 187 13.48 12.85 -1.37
N ILE D 188 14.18 13.32 -0.34
CA ILE D 188 14.91 14.58 -0.38
C ILE D 188 15.78 14.75 0.87
N ALA D 189 17.07 14.99 0.66
CA ALA D 189 17.99 15.13 1.80
C ALA D 189 18.77 16.45 1.73
N GLN D 190 19.11 16.97 2.91
CA GLN D 190 19.87 18.20 3.00
C GLN D 190 20.72 18.21 4.26
N VAL D 191 21.89 18.82 4.18
CA VAL D 191 22.74 18.90 5.36
C VAL D 191 22.43 20.21 6.07
N VAL D 192 21.88 20.11 7.27
CA VAL D 192 21.54 21.29 8.05
C VAL D 192 22.22 21.18 9.41
N ASP D 193 23.08 22.15 9.72
CA ASP D 193 23.78 22.16 11.02
C ASP D 193 22.87 22.81 12.04
N LEU D 194 22.08 21.99 12.70
CA LEU D 194 21.11 22.41 13.70
C LEU D 194 21.68 23.28 14.79
N LYS D 195 22.84 22.90 15.30
CA LYS D 195 23.47 23.67 16.35
C LYS D 195 23.82 25.07 15.86
N ALA D 196 24.02 25.20 14.56
CA ALA D 196 24.39 26.47 13.94
C ALA D 196 23.19 27.33 13.57
N LYS D 197 22.02 26.71 13.46
CA LYS D 197 20.83 27.45 13.06
C LYS D 197 19.73 27.57 14.10
N LEU D 198 19.88 26.86 15.22
CA LEU D 198 18.87 26.90 16.28
C LEU D 198 19.45 26.90 17.70
N PRO D 199 18.64 27.31 18.68
CA PRO D 199 19.06 27.36 20.08
C PRO D 199 19.13 25.96 20.70
N GLU D 200 19.85 25.86 21.82
CA GLU D 200 20.01 24.59 22.52
C GLU D 200 18.65 23.89 22.72
N ARG D 201 17.65 24.66 23.14
CA ARG D 201 16.32 24.11 23.38
C ARG D 201 15.30 24.55 22.33
N VAL D 202 14.67 23.56 21.69
CA VAL D 202 13.67 23.80 20.65
C VAL D 202 12.34 23.10 20.89
N LYS D 203 11.38 23.38 20.02
CA LYS D 203 10.07 22.76 20.09
C LYS D 203 9.72 22.31 18.67
N PHE D 204 9.15 21.11 18.54
CA PHE D 204 8.77 20.57 17.24
C PHE D 204 7.27 20.71 17.06
N GLY D 205 6.84 20.76 15.82
CA GLY D 205 5.42 20.88 15.56
C GLY D 205 5.05 20.93 14.10
N PHE D 206 3.76 21.11 13.86
CA PHE D 206 3.21 21.21 12.52
C PHE D 206 2.50 22.54 12.38
N SER D 207 2.20 22.91 11.14
CA SER D 207 1.53 24.15 10.86
C SER D 207 0.93 24.06 9.46
N ALA D 208 -0.06 24.91 9.20
CA ALA D 208 -0.73 24.97 7.90
C ALA D 208 -1.24 26.39 7.74
N SER D 209 -1.81 26.70 6.59
CA SER D 209 -2.31 28.04 6.37
C SER D 209 -3.08 28.17 5.07
N GLY D 210 -3.79 29.28 4.97
CA GLY D 210 -4.59 29.57 3.80
C GLY D 210 -4.67 31.06 3.60
N SER D 211 -5.40 31.46 2.57
CA SER D 211 -5.57 32.86 2.24
C SER D 211 -7.06 33.10 2.06
N LEU D 212 -7.41 34.09 1.25
CA LEU D 212 -8.81 34.39 1.01
C LEU D 212 -9.46 33.25 0.21
N GLY D 213 -8.94 33.01 -0.99
CA GLY D 213 -9.49 31.97 -1.84
C GLY D 213 -8.75 30.66 -1.70
N GLY D 214 -7.53 30.72 -1.20
CA GLY D 214 -6.75 29.51 -1.01
C GLY D 214 -7.08 28.82 0.30
N ARG D 215 -7.83 27.72 0.24
CA ARG D 215 -8.19 27.00 1.46
C ARG D 215 -8.43 25.51 1.22
N GLN D 216 -8.03 24.70 2.20
CA GLN D 216 -8.23 23.26 2.13
C GLN D 216 -8.12 22.64 3.50
N ILE D 217 -8.55 21.39 3.58
CA ILE D 217 -8.51 20.62 4.81
C ILE D 217 -7.10 20.09 5.06
N HIS D 218 -6.49 20.52 6.16
CA HIS D 218 -5.14 20.06 6.56
C HIS D 218 -5.28 19.20 7.82
N LEU D 219 -4.95 17.92 7.75
CA LEU D 219 -5.11 17.07 8.91
C LEU D 219 -3.90 16.20 9.29
N ILE D 220 -3.61 16.16 10.58
CA ILE D 220 -2.52 15.35 11.10
C ILE D 220 -3.23 14.14 11.72
N ARG D 221 -2.80 12.93 11.39
CA ARG D 221 -3.46 11.74 11.93
C ARG D 221 -2.69 11.04 13.03
N SER D 222 -1.37 10.98 12.85
CA SER D 222 -0.49 10.33 13.82
C SER D 222 0.88 10.98 13.82
N TRP D 223 1.63 10.74 14.88
CA TRP D 223 2.96 11.30 15.02
C TRP D 223 3.69 10.58 16.14
N SER D 224 4.86 10.06 15.80
CA SER D 224 5.76 9.37 16.73
C SER D 224 7.12 10.05 16.64
N PHE D 225 7.79 10.17 17.77
CA PHE D 225 9.08 10.84 17.77
C PHE D 225 10.05 10.29 18.81
N THR D 226 11.32 10.24 18.43
CA THR D 226 12.38 9.79 19.31
C THR D 226 13.61 10.60 18.92
N SER D 227 14.36 11.04 19.93
CA SER D 227 15.58 11.82 19.75
C SER D 227 16.51 11.39 20.87
N THR D 228 17.77 11.16 20.51
CA THR D 228 18.74 10.72 21.50
C THR D 228 20.00 11.55 21.41
N LEU D 229 20.37 12.16 22.53
CA LEU D 229 21.54 13.02 22.62
C LEU D 229 22.70 12.34 23.38
N ILE D 230 23.86 12.24 22.73
CA ILE D 230 24.98 11.63 23.40
C ILE D 230 25.53 12.67 24.38
N THR D 231 25.88 12.21 25.57
CA THR D 231 26.39 13.11 26.59
C THR D 231 27.69 12.67 27.26
N THR D 232 28.74 12.56 26.45
CA THR D 232 30.05 12.18 26.94
C THR D 232 31.10 12.75 25.99
#